data_4URA
#
_entry.id   4URA
#
_cell.length_a   101.040
_cell.length_b   149.660
_cell.length_c   57.860
_cell.angle_alpha   90.00
_cell.angle_beta   90.00
_cell.angle_gamma   90.00
#
_symmetry.space_group_name_H-M   'P 21 21 2'
#
loop_
_entity.id
_entity.type
_entity.pdbx_description
1 polymer 'LYSINE-SPECIFIC DEMETHYLASE 4A'
2 non-polymer 1,2-ETHANEDIOL
3 non-polymer 'SULFATE ION'
4 non-polymer 'NICKEL (II) ION'
5 non-polymer 'ZINC ION'
6 non-polymer '2-(2H-1,2,3-triazol-4-yl)pyridine-4-carboxylic acid'
7 water water
#
_entity_poly.entity_id   1
_entity_poly.type   'polypeptide(L)'
_entity_poly.pdbx_seq_one_letter_code
;SMASESETLNPSARIMTFYPTMEEFRNFSRYIAYIESQGAHRAGLAKVVPPKEWKPRASYDDIDDLVIPAPIQQLVTGQS
GLFTQYNIQKKAMTVREFRKIANSDKYCTPRYSEFEELERKYWKNLTFNPPIYGADVNGTLYEKHVDEWNIGRLRTILDL
VEKESGITIEGVNTPYLYFGMWKTSFAWHTEDMDLYSINYLHFGEPKSWYSVPPEHGKRLERLAKGFFPGSAQSCEAFLR
HKMTLISPLMLKKYGIPFDKVTQEAGEFMITFPYGYHAGFNHGFNCAESTNFATRRWIEYGKQAVLCSCRKDMVKISMDV
FVRKFQPERYKLWKAGKDNTVIDHTLPTPEAAEFLKESEL
;
_entity_poly.pdbx_strand_id   A,B
#
# COMPACT_ATOMS: atom_id res chain seq x y z
N GLU A 5 15.28 12.23 -13.55
CA GLU A 5 14.76 12.52 -14.89
C GLU A 5 13.56 11.63 -15.21
N SER A 6 13.77 10.32 -15.10
CA SER A 6 12.69 9.34 -15.26
C SER A 6 11.77 9.37 -14.03
N GLU A 7 12.35 9.71 -12.88
CA GLU A 7 11.58 9.82 -11.64
C GLU A 7 10.59 10.97 -11.69
N THR A 8 10.93 12.01 -12.45
CA THR A 8 10.09 13.21 -12.54
C THR A 8 8.94 13.07 -13.56
N LEU A 9 9.00 12.02 -14.38
CA LEU A 9 7.95 11.73 -15.36
C LEU A 9 6.90 10.75 -14.80
N ASN A 10 5.63 11.12 -14.94
CA ASN A 10 4.49 10.43 -14.34
C ASN A 10 4.76 10.02 -12.89
N PRO A 11 5.09 11.00 -12.03
CA PRO A 11 5.51 10.69 -10.65
C PRO A 11 4.36 10.12 -9.83
N SER A 12 3.13 10.29 -10.34
CA SER A 12 1.92 9.74 -9.74
C SER A 12 1.74 8.26 -10.05
N ALA A 13 2.49 7.76 -11.03
CA ALA A 13 2.33 6.39 -11.54
C ALA A 13 0.86 6.14 -11.88
N ARG A 14 0.24 7.11 -12.55
CA ARG A 14 -1.16 7.04 -12.96
C ARG A 14 -1.31 6.38 -14.33
N ILE A 15 -2.43 5.71 -14.57
CA ILE A 15 -2.67 5.10 -15.89
C ILE A 15 -2.84 6.17 -16.96
N MET A 16 -1.94 6.19 -17.94
CA MET A 16 -1.99 7.18 -19.01
C MET A 16 -2.73 6.68 -20.26
N THR A 17 -3.25 7.61 -21.05
CA THR A 17 -3.99 7.28 -22.27
C THR A 17 -3.41 7.97 -23.49
N PHE A 18 -3.22 7.21 -24.57
CA PHE A 18 -2.54 7.75 -25.75
C PHE A 18 -3.37 7.69 -27.02
N TYR A 19 -3.24 8.76 -27.80
CA TYR A 19 -3.95 8.92 -29.05
C TYR A 19 -2.94 9.15 -30.17
N PRO A 20 -2.33 8.07 -30.68
CA PRO A 20 -1.31 8.27 -31.72
C PRO A 20 -1.94 8.69 -33.03
N THR A 21 -1.21 9.46 -33.82
CA THR A 21 -1.56 9.65 -35.23
C THR A 21 -1.37 8.34 -35.99
N MET A 22 -1.81 8.30 -37.23
CA MET A 22 -1.64 7.09 -38.04
C MET A 22 -0.17 6.86 -38.39
N GLU A 23 0.62 7.93 -38.41
CA GLU A 23 2.04 7.79 -38.71
C GLU A 23 2.78 7.26 -37.47
N GLU A 24 2.34 7.68 -36.29
CA GLU A 24 2.93 7.19 -35.05
C GLU A 24 2.58 5.70 -34.84
N PHE A 25 1.39 5.33 -35.28
CA PHE A 25 0.85 4.00 -35.04
C PHE A 25 1.58 2.90 -35.81
N ARG A 26 2.22 3.25 -36.93
CA ARG A 26 2.75 2.25 -37.87
C ARG A 26 3.91 1.40 -37.32
N ASN A 27 4.75 1.98 -36.46
CA ASN A 27 5.87 1.25 -35.88
C ASN A 27 5.59 0.92 -34.42
N PHE A 28 5.20 -0.32 -34.19
CA PHE A 28 4.76 -0.76 -32.86
C PHE A 28 5.79 -0.53 -31.77
N SER A 29 6.97 -1.12 -31.92
CA SER A 29 8.00 -1.02 -30.88
C SER A 29 8.44 0.41 -30.64
N ARG A 30 8.34 1.26 -31.67
CA ARG A 30 8.74 2.65 -31.52
C ARG A 30 7.78 3.38 -30.58
N TYR A 31 6.48 3.14 -30.77
CA TYR A 31 5.49 3.80 -29.91
C TYR A 31 5.54 3.29 -28.46
N ILE A 32 5.91 2.03 -28.26
CA ILE A 32 6.06 1.52 -26.90
C ILE A 32 7.22 2.23 -26.23
N ALA A 33 8.32 2.37 -26.96
CA ALA A 33 9.43 3.13 -26.44
C ALA A 33 8.98 4.57 -26.16
N TYR A 34 8.19 5.16 -27.05
CA TYR A 34 7.69 6.53 -26.81
C TYR A 34 6.85 6.67 -25.53
N ILE A 35 5.80 5.86 -25.37
CA ILE A 35 4.98 5.99 -24.17
C ILE A 35 5.81 5.72 -22.90
N GLU A 36 6.87 4.91 -23.02
CA GLU A 36 7.79 4.75 -21.89
C GLU A 36 8.62 6.03 -21.65
N SER A 37 8.87 6.81 -22.70
CA SER A 37 9.62 8.06 -22.52
C SER A 37 8.73 9.11 -21.83
N GLN A 38 7.44 8.83 -21.79
CA GLN A 38 6.47 9.69 -21.12
C GLN A 38 6.10 9.14 -19.74
N GLY A 39 6.72 8.04 -19.34
CA GLY A 39 6.52 7.46 -18.02
C GLY A 39 5.29 6.59 -17.84
N ALA A 40 4.69 6.17 -18.94
CA ALA A 40 3.49 5.33 -18.90
C ALA A 40 3.70 4.05 -18.09
N HIS A 41 4.88 3.45 -18.21
CA HIS A 41 5.15 2.15 -17.62
C HIS A 41 5.11 2.14 -16.10
N ARG A 42 5.30 3.31 -15.49
CA ARG A 42 5.30 3.41 -14.03
C ARG A 42 3.97 2.99 -13.44
N ALA A 43 2.91 3.14 -14.24
CA ALA A 43 1.57 2.70 -13.84
C ALA A 43 1.37 1.18 -13.97
N GLY A 44 2.19 0.50 -14.80
CA GLY A 44 2.03 -0.93 -15.03
C GLY A 44 1.04 -1.24 -16.16
N LEU A 45 0.31 -0.22 -16.57
CA LEU A 45 -0.83 -0.37 -17.47
C LEU A 45 -1.08 0.94 -18.24
N ALA A 46 -1.32 0.86 -19.54
CA ALA A 46 -1.60 2.05 -20.35
C ALA A 46 -2.62 1.74 -21.42
N LYS A 47 -3.44 2.74 -21.74
CA LYS A 47 -4.44 2.58 -22.76
C LYS A 47 -3.94 3.25 -24.02
N VAL A 48 -4.17 2.63 -25.17
CA VAL A 48 -3.77 3.25 -26.41
C VAL A 48 -4.95 3.17 -27.37
N VAL A 49 -5.49 4.34 -27.70
CA VAL A 49 -6.63 4.43 -28.61
C VAL A 49 -6.11 4.63 -30.03
N PRO A 50 -6.38 3.68 -30.92
CA PRO A 50 -5.83 3.78 -32.27
C PRO A 50 -6.65 4.76 -33.12
N PRO A 51 -6.04 5.36 -34.16
CA PRO A 51 -6.77 6.27 -35.05
C PRO A 51 -8.00 5.62 -35.67
N LYS A 52 -9.09 6.41 -35.79
CA LYS A 52 -10.35 5.96 -36.39
C LYS A 52 -10.15 5.33 -37.77
N GLU A 53 -9.09 5.80 -38.44
CA GLU A 53 -8.65 5.27 -39.73
C GLU A 53 -8.47 3.75 -39.71
N TRP A 54 -8.19 3.22 -38.52
CA TRP A 54 -7.67 1.87 -38.43
C TRP A 54 -8.75 0.84 -38.05
N LYS A 55 -8.61 -0.37 -38.59
CA LYS A 55 -9.42 -1.52 -38.22
C LYS A 55 -8.66 -2.78 -38.60
N PRO A 56 -8.65 -3.77 -37.70
CA PRO A 56 -7.96 -5.06 -37.91
C PRO A 56 -8.78 -6.06 -38.71
N ARG A 57 -10.07 -5.80 -38.82
CA ARG A 57 -10.97 -6.69 -39.54
C ARG A 57 -12.15 -5.90 -40.10
N ALA A 58 -12.59 -6.25 -41.30
CA ALA A 58 -13.70 -5.55 -41.93
C ALA A 58 -15.01 -5.79 -41.18
N SER A 59 -15.34 -7.05 -40.94
CA SER A 59 -16.58 -7.38 -40.21
C SER A 59 -16.44 -8.65 -39.36
N TYR A 60 -17.14 -8.67 -38.23
CA TYR A 60 -17.13 -9.85 -37.35
C TYR A 60 -18.38 -10.73 -37.54
N ASP A 61 -18.89 -10.81 -38.77
CA ASP A 61 -20.22 -11.35 -38.99
C ASP A 61 -20.21 -12.86 -39.22
N ASP A 62 -19.02 -13.46 -39.24
CA ASP A 62 -18.87 -14.87 -39.58
C ASP A 62 -18.51 -15.77 -38.39
N ILE A 63 -18.34 -15.18 -37.22
CA ILE A 63 -17.63 -15.90 -36.17
C ILE A 63 -18.53 -16.77 -35.29
N ASP A 64 -19.84 -16.68 -35.46
CA ASP A 64 -20.76 -17.45 -34.63
C ASP A 64 -20.46 -18.96 -34.72
N ASP A 65 -19.74 -19.36 -35.76
CA ASP A 65 -19.41 -20.75 -35.94
C ASP A 65 -18.04 -21.11 -35.35
N LEU A 66 -17.28 -20.10 -34.95
CA LEU A 66 -15.98 -20.34 -34.29
C LEU A 66 -16.19 -21.12 -32.98
N VAL A 67 -15.40 -22.18 -32.81
CA VAL A 67 -15.51 -23.05 -31.63
C VAL A 67 -14.66 -22.57 -30.44
N ILE A 68 -15.26 -22.59 -29.25
CA ILE A 68 -14.55 -22.41 -27.98
C ILE A 68 -14.37 -23.78 -27.36
N PRO A 69 -13.17 -24.37 -27.53
CA PRO A 69 -12.89 -25.77 -27.20
C PRO A 69 -12.95 -26.10 -25.70
N ALA A 70 -12.83 -25.08 -24.86
CA ALA A 70 -12.77 -25.32 -23.43
C ALA A 70 -13.33 -24.16 -22.64
N PRO A 71 -14.66 -23.97 -22.70
CA PRO A 71 -15.26 -22.91 -21.89
C PRO A 71 -15.00 -23.18 -20.43
N ILE A 72 -14.80 -22.12 -19.65
CA ILE A 72 -14.50 -22.25 -18.24
C ILE A 72 -15.61 -21.62 -17.41
N GLN A 73 -16.21 -22.39 -16.51
CA GLN A 73 -17.17 -21.82 -15.54
C GLN A 73 -16.42 -21.33 -14.28
N GLN A 74 -16.65 -20.09 -13.88
CA GLN A 74 -15.82 -19.47 -12.84
C GLN A 74 -16.49 -19.45 -11.48
N LEU A 75 -16.22 -20.48 -10.68
CA LEU A 75 -16.68 -20.46 -9.29
C LEU A 75 -15.78 -19.60 -8.40
N VAL A 76 -16.41 -18.76 -7.59
CA VAL A 76 -15.68 -17.86 -6.71
C VAL A 76 -16.14 -18.00 -5.27
N THR A 77 -15.19 -18.34 -4.40
CA THR A 77 -15.40 -18.42 -2.97
C THR A 77 -14.64 -17.32 -2.23
N GLY A 78 -15.29 -16.72 -1.23
CA GLY A 78 -14.66 -15.72 -0.40
C GLY A 78 -15.59 -14.71 0.23
N GLN A 79 -15.01 -13.72 0.90
CA GLN A 79 -15.77 -12.72 1.66
C GLN A 79 -14.90 -11.51 1.97
N SER A 80 -15.54 -10.35 2.14
CA SER A 80 -14.89 -9.10 2.53
C SER A 80 -13.64 -8.79 1.73
N GLY A 81 -13.80 -8.73 0.41
CA GLY A 81 -12.75 -8.29 -0.48
C GLY A 81 -11.70 -9.30 -0.90
N LEU A 82 -11.70 -10.49 -0.29
CA LEU A 82 -10.72 -11.53 -0.59
C LEU A 82 -11.37 -12.79 -1.15
N PHE A 83 -10.94 -13.21 -2.34
CA PHE A 83 -11.58 -14.35 -3.01
C PHE A 83 -10.61 -15.27 -3.73
N THR A 84 -11.00 -16.54 -3.87
CA THR A 84 -10.26 -17.47 -4.69
C THR A 84 -11.19 -18.01 -5.78
N GLN A 85 -10.72 -17.95 -7.03
CA GLN A 85 -11.51 -18.39 -8.17
C GLN A 85 -11.14 -19.80 -8.64
N TYR A 86 -12.13 -20.69 -8.71
CA TYR A 86 -11.89 -22.03 -9.22
C TYR A 86 -12.45 -22.16 -10.63
N ASN A 87 -11.72 -22.88 -11.49
CA ASN A 87 -12.13 -23.07 -12.88
C ASN A 87 -12.79 -24.43 -13.07
N ILE A 88 -13.98 -24.41 -13.65
CA ILE A 88 -14.66 -25.66 -14.00
C ILE A 88 -14.81 -25.68 -15.51
N GLN A 89 -14.08 -26.57 -16.17
CA GLN A 89 -14.14 -26.62 -17.62
C GLN A 89 -15.46 -27.25 -18.13
N LYS A 90 -16.19 -26.49 -18.93
CA LYS A 90 -17.38 -26.99 -19.61
C LYS A 90 -17.02 -27.61 -20.95
N LYS A 91 -17.96 -28.33 -21.54
CA LYS A 91 -17.74 -28.92 -22.85
C LYS A 91 -17.71 -27.85 -23.93
N ALA A 92 -17.06 -28.19 -25.04
CA ALA A 92 -16.86 -27.29 -26.16
C ALA A 92 -18.16 -26.63 -26.60
N MET A 93 -18.04 -25.48 -27.25
CA MET A 93 -19.19 -24.65 -27.47
C MET A 93 -18.87 -23.62 -28.53
N THR A 94 -19.83 -23.35 -29.40
CA THR A 94 -19.66 -22.35 -30.46
C THR A 94 -19.84 -20.97 -29.89
N VAL A 95 -19.44 -19.96 -30.65
CA VAL A 95 -19.64 -18.59 -30.24
C VAL A 95 -21.11 -18.25 -30.15
N ARG A 96 -21.90 -18.64 -31.15
CA ARG A 96 -23.33 -18.34 -31.11
C ARG A 96 -23.94 -19.03 -29.89
N GLU A 97 -23.50 -20.24 -29.62
CA GLU A 97 -23.91 -20.94 -28.40
C GLU A 97 -23.58 -20.12 -27.14
N PHE A 98 -22.37 -19.55 -27.14
CA PHE A 98 -21.87 -18.78 -26.01
C PHE A 98 -22.61 -17.45 -25.87
N ARG A 99 -22.80 -16.76 -26.98
CA ARG A 99 -23.51 -15.48 -26.94
C ARG A 99 -24.96 -15.68 -26.44
N LYS A 100 -25.54 -16.83 -26.78
CA LYS A 100 -26.90 -17.14 -26.34
C LYS A 100 -26.97 -17.21 -24.82
N ILE A 101 -26.05 -17.97 -24.24
CA ILE A 101 -25.97 -18.08 -22.79
C ILE A 101 -25.68 -16.71 -22.18
N ALA A 102 -24.75 -15.98 -22.79
CA ALA A 102 -24.28 -14.70 -22.25
C ALA A 102 -25.33 -13.60 -22.25
N ASN A 103 -26.22 -13.63 -23.22
CA ASN A 103 -27.20 -12.56 -23.37
C ASN A 103 -28.55 -12.94 -22.74
N SER A 104 -28.63 -14.19 -22.32
CA SER A 104 -29.79 -14.73 -21.63
C SER A 104 -30.04 -13.98 -20.33
N ASP A 105 -31.27 -14.06 -19.83
CA ASP A 105 -31.68 -13.31 -18.65
C ASP A 105 -30.87 -13.68 -17.40
N LYS A 106 -30.55 -14.96 -17.26
CA LYS A 106 -29.82 -15.45 -16.10
C LYS A 106 -28.39 -14.86 -16.01
N TYR A 107 -27.79 -14.50 -17.14
CA TYR A 107 -26.37 -14.11 -17.17
C TYR A 107 -26.09 -12.71 -17.67
N CYS A 108 -27.08 -12.01 -18.21
CA CYS A 108 -26.80 -10.74 -18.88
C CYS A 108 -26.43 -9.66 -17.88
N THR A 109 -26.01 -8.51 -18.39
CA THR A 109 -25.58 -7.39 -17.56
C THR A 109 -26.74 -6.73 -16.83
N PRO A 110 -26.59 -6.51 -15.51
CA PRO A 110 -27.64 -5.75 -14.83
C PRO A 110 -27.64 -4.28 -15.24
N ARG A 111 -28.80 -3.64 -15.09
CA ARG A 111 -28.95 -2.22 -15.40
C ARG A 111 -28.25 -1.38 -14.32
N TYR A 112 -27.80 -0.18 -14.69
CA TYR A 112 -27.04 0.68 -13.79
C TYR A 112 -26.85 2.08 -14.38
N SER A 113 -26.61 3.05 -13.50
CA SER A 113 -26.34 4.43 -13.94
C SER A 113 -24.86 4.60 -14.29
N GLU A 114 -24.05 5.05 -13.33
CA GLU A 114 -22.62 5.25 -13.55
C GLU A 114 -21.80 3.97 -13.31
N PHE A 115 -20.56 3.95 -13.82
CA PHE A 115 -19.69 2.77 -13.71
C PHE A 115 -19.45 2.35 -12.27
N GLU A 116 -19.36 3.32 -11.36
CA GLU A 116 -19.10 3.00 -9.97
C GLU A 116 -20.18 2.07 -9.41
N GLU A 117 -21.37 2.12 -10.02
CA GLU A 117 -22.48 1.27 -9.64
C GLU A 117 -22.32 -0.16 -10.15
N LEU A 118 -21.90 -0.31 -11.40
CA LEU A 118 -21.68 -1.63 -11.95
C LEU A 118 -20.53 -2.26 -11.18
N GLU A 119 -19.54 -1.44 -10.85
CA GLU A 119 -18.37 -1.89 -10.09
C GLU A 119 -18.80 -2.45 -8.74
N ARG A 120 -19.67 -1.71 -8.04
CA ARG A 120 -20.19 -2.12 -6.75
C ARG A 120 -20.96 -3.44 -6.85
N LYS A 121 -21.75 -3.60 -7.91
CA LYS A 121 -22.50 -4.83 -8.12
C LYS A 121 -21.57 -6.01 -8.41
N TYR A 122 -20.49 -5.73 -9.14
CA TYR A 122 -19.51 -6.77 -9.41
C TYR A 122 -18.97 -7.35 -8.10
N TRP A 123 -18.47 -6.49 -7.22
CA TRP A 123 -17.85 -6.93 -5.99
C TRP A 123 -18.89 -7.44 -4.99
N LYS A 124 -20.12 -6.99 -5.12
CA LYS A 124 -21.22 -7.56 -4.34
C LYS A 124 -21.65 -8.97 -4.80
N ASN A 125 -21.70 -9.23 -6.10
CA ASN A 125 -22.26 -10.49 -6.59
C ASN A 125 -21.25 -11.50 -7.15
N LEU A 126 -19.97 -11.20 -6.93
CA LEU A 126 -18.86 -11.99 -7.45
C LEU A 126 -18.99 -13.49 -7.21
N THR A 127 -19.52 -13.86 -6.04
CA THR A 127 -19.56 -15.27 -5.68
C THR A 127 -20.87 -15.96 -6.08
N PHE A 128 -21.83 -15.19 -6.60
CA PHE A 128 -23.14 -15.76 -7.01
C PHE A 128 -23.23 -16.01 -8.50
N ASN A 129 -24.01 -17.03 -8.89
CA ASN A 129 -24.36 -17.26 -10.30
C ASN A 129 -23.16 -17.32 -11.26
N PRO A 130 -22.30 -18.32 -11.07
CA PRO A 130 -21.01 -18.46 -11.77
C PRO A 130 -21.14 -18.33 -13.27
N PRO A 131 -20.48 -17.32 -13.86
CA PRO A 131 -20.57 -17.12 -15.32
C PRO A 131 -19.65 -18.09 -16.04
N ILE A 132 -19.66 -18.04 -17.38
CA ILE A 132 -18.74 -18.85 -18.18
C ILE A 132 -17.88 -17.91 -19.00
N TYR A 133 -16.58 -18.24 -19.10
CA TYR A 133 -15.59 -17.43 -19.82
C TYR A 133 -15.06 -18.26 -20.96
N GLY A 134 -15.15 -17.73 -22.19
CA GLY A 134 -14.59 -18.42 -23.34
C GLY A 134 -13.13 -18.01 -23.45
N ALA A 135 -12.30 -18.62 -22.62
CA ALA A 135 -10.93 -18.15 -22.42
C ALA A 135 -9.89 -19.00 -23.13
N ASP A 136 -8.74 -18.40 -23.42
CA ASP A 136 -7.56 -19.11 -23.95
C ASP A 136 -7.92 -19.85 -25.22
N VAL A 137 -8.51 -19.11 -26.15
CA VAL A 137 -8.91 -19.71 -27.40
C VAL A 137 -7.83 -19.39 -28.43
N ASN A 138 -7.16 -20.43 -28.93
CA ASN A 138 -6.09 -20.21 -29.89
C ASN A 138 -6.62 -19.63 -31.18
N GLY A 139 -6.17 -18.42 -31.51
CA GLY A 139 -6.52 -17.82 -32.78
C GLY A 139 -6.35 -16.33 -32.81
N THR A 140 -6.61 -15.74 -33.97
CA THR A 140 -6.53 -14.30 -34.16
C THR A 140 -7.72 -13.84 -34.98
N LEU A 141 -8.13 -12.59 -34.81
CA LEU A 141 -9.17 -12.04 -35.67
C LEU A 141 -8.62 -10.91 -36.55
N TYR A 142 -7.31 -10.74 -36.56
CA TYR A 142 -6.72 -9.78 -37.49
C TYR A 142 -6.80 -10.35 -38.90
N GLU A 143 -7.24 -9.54 -39.84
CA GLU A 143 -7.14 -9.94 -41.25
C GLU A 143 -5.64 -10.06 -41.60
N LYS A 144 -5.31 -11.04 -42.45
CA LYS A 144 -3.91 -11.38 -42.77
C LYS A 144 -3.05 -10.21 -43.29
N HIS A 145 -3.68 -9.12 -43.69
CA HIS A 145 -2.99 -8.04 -44.36
C HIS A 145 -2.68 -6.82 -43.46
N VAL A 146 -3.32 -6.75 -42.29
CA VAL A 146 -3.11 -5.64 -41.37
C VAL A 146 -1.71 -5.68 -40.77
N ASP A 147 -0.94 -4.62 -40.96
CA ASP A 147 0.46 -4.62 -40.55
C ASP A 147 0.74 -3.80 -39.31
N GLU A 148 -0.18 -2.91 -38.97
CA GLU A 148 -0.01 -2.09 -37.79
C GLU A 148 -0.53 -2.81 -36.55
N TRP A 149 0.33 -2.99 -35.56
CA TRP A 149 -0.04 -3.59 -34.27
C TRP A 149 -0.75 -4.93 -34.41
N ASN A 150 -0.22 -5.80 -35.25
CA ASN A 150 -0.83 -7.11 -35.45
C ASN A 150 -0.36 -8.09 -34.38
N ILE A 151 -1.27 -8.41 -33.46
CA ILE A 151 -0.98 -9.26 -32.32
C ILE A 151 -0.40 -10.62 -32.71
N GLY A 152 -0.70 -11.06 -33.94
CA GLY A 152 -0.16 -12.29 -34.45
C GLY A 152 1.30 -12.20 -34.88
N ARG A 153 1.81 -10.98 -35.09
CA ARG A 153 3.20 -10.79 -35.51
C ARG A 153 3.74 -9.39 -35.18
N LEU A 154 4.02 -9.15 -33.91
CA LEU A 154 4.48 -7.85 -33.43
C LEU A 154 5.97 -7.59 -33.73
N ARG A 155 6.71 -8.66 -34.01
CA ARG A 155 8.12 -8.59 -34.37
C ARG A 155 9.02 -7.95 -33.32
N THR A 156 8.81 -8.27 -32.04
CA THR A 156 9.71 -7.78 -31.00
C THR A 156 10.77 -8.85 -30.72
N ILE A 157 11.70 -8.55 -29.83
CA ILE A 157 12.73 -9.54 -29.51
C ILE A 157 12.17 -10.79 -28.79
N LEU A 158 10.90 -10.81 -28.37
CA LEU A 158 10.35 -12.07 -27.84
C LEU A 158 10.40 -13.17 -28.92
N ASP A 159 10.36 -12.78 -30.20
CA ASP A 159 10.45 -13.71 -31.33
C ASP A 159 11.72 -14.53 -31.31
N LEU A 160 12.66 -14.12 -30.50
CA LEU A 160 13.92 -14.82 -30.36
C LEU A 160 13.78 -16.18 -29.68
N VAL A 161 12.74 -16.36 -28.87
CA VAL A 161 12.46 -17.66 -28.26
C VAL A 161 12.16 -18.73 -29.30
N GLU A 162 11.30 -18.41 -30.25
CA GLU A 162 10.91 -19.39 -31.26
C GLU A 162 12.08 -19.55 -32.27
N LYS A 163 12.63 -18.43 -32.74
CA LYS A 163 13.76 -18.41 -33.67
C LYS A 163 14.88 -19.36 -33.24
N GLU A 164 15.26 -19.29 -31.97
CA GLU A 164 16.38 -20.09 -31.46
C GLU A 164 16.06 -21.53 -31.04
N SER A 165 14.84 -21.79 -30.57
CA SER A 165 14.55 -23.10 -30.02
C SER A 165 13.39 -23.81 -30.70
N GLY A 166 12.63 -23.07 -31.52
CA GLY A 166 11.44 -23.63 -32.16
C GLY A 166 10.22 -23.70 -31.25
N ILE A 167 10.39 -23.29 -29.99
CA ILE A 167 9.31 -23.46 -29.02
C ILE A 167 8.21 -22.41 -29.10
N THR A 168 6.98 -22.89 -29.20
CA THR A 168 5.83 -22.01 -29.10
C THR A 168 5.11 -22.23 -27.76
N ILE A 169 4.72 -21.11 -27.15
CA ILE A 169 4.04 -21.09 -25.86
C ILE A 169 2.69 -20.39 -26.07
N GLU A 170 1.62 -21.18 -26.11
CA GLU A 170 0.29 -20.68 -26.46
C GLU A 170 -0.16 -19.47 -25.64
N GLY A 171 -0.52 -18.38 -26.30
CA GLY A 171 -0.89 -17.17 -25.61
C GLY A 171 0.29 -16.26 -25.25
N VAL A 172 1.50 -16.81 -25.20
CA VAL A 172 2.67 -16.01 -24.85
C VAL A 172 3.38 -15.48 -26.11
N ASN A 173 3.90 -16.36 -26.98
CA ASN A 173 4.31 -15.90 -28.30
C ASN A 173 3.35 -16.38 -29.40
N THR A 174 2.10 -16.64 -29.04
CA THR A 174 1.02 -16.89 -29.99
C THR A 174 -0.22 -16.16 -29.45
N PRO A 175 -1.22 -15.88 -30.32
CA PRO A 175 -2.35 -15.11 -29.79
C PRO A 175 -3.44 -15.96 -29.16
N TYR A 176 -4.14 -15.36 -28.20
CA TYR A 176 -5.32 -15.94 -27.57
C TYR A 176 -6.51 -15.04 -27.76
N LEU A 177 -7.68 -15.65 -27.89
CA LEU A 177 -8.93 -14.92 -27.95
C LEU A 177 -9.72 -15.16 -26.65
N TYR A 178 -10.40 -14.13 -26.16
CA TYR A 178 -11.16 -14.25 -24.92
C TYR A 178 -12.61 -13.79 -25.11
N PHE A 179 -13.55 -14.72 -25.08
CA PHE A 179 -14.97 -14.37 -25.11
C PHE A 179 -15.54 -14.27 -23.70
N GLY A 180 -15.94 -13.05 -23.33
CA GLY A 180 -16.43 -12.79 -22.00
C GLY A 180 -17.95 -12.61 -21.91
N MET A 181 -18.47 -12.69 -20.67
CA MET A 181 -19.85 -12.30 -20.38
C MET A 181 -19.78 -11.54 -19.09
N TRP A 182 -20.90 -10.96 -18.65
CA TRP A 182 -20.94 -10.17 -17.42
C TRP A 182 -20.32 -10.94 -16.25
N LYS A 183 -19.43 -10.26 -15.52
CA LYS A 183 -18.91 -10.76 -14.25
C LYS A 183 -17.85 -11.88 -14.42
N THR A 184 -17.40 -12.13 -15.65
CA THR A 184 -16.22 -12.99 -15.85
C THR A 184 -14.97 -12.18 -15.47
N SER A 185 -14.00 -12.84 -14.85
CA SER A 185 -12.92 -12.12 -14.16
C SER A 185 -11.53 -12.57 -14.59
N PHE A 186 -10.56 -11.67 -14.51
CA PHE A 186 -9.18 -12.12 -14.52
C PHE A 186 -8.52 -11.69 -13.21
N ALA A 187 -7.91 -12.67 -12.54
CA ALA A 187 -7.34 -12.50 -11.21
C ALA A 187 -6.08 -11.62 -11.23
N TRP A 188 -5.65 -11.20 -10.05
CA TRP A 188 -4.42 -10.41 -9.88
C TRP A 188 -3.15 -11.17 -10.30
N HIS A 189 -2.37 -10.58 -11.21
CA HIS A 189 -1.15 -11.22 -11.66
C HIS A 189 -0.26 -10.33 -12.54
N THR A 190 1.00 -10.74 -12.66
CA THR A 190 1.85 -10.23 -13.73
C THR A 190 1.93 -11.25 -14.87
N GLU A 191 2.51 -10.87 -16.00
CA GLU A 191 2.67 -11.77 -17.13
C GLU A 191 3.66 -12.89 -16.82
N ASP A 192 3.60 -14.00 -17.56
CA ASP A 192 4.64 -15.02 -17.46
C ASP A 192 6.02 -14.39 -17.71
N MET A 193 7.02 -14.77 -16.92
CA MET A 193 8.39 -14.21 -17.02
C MET A 193 8.38 -12.69 -16.90
N ASP A 194 7.29 -12.15 -16.35
CA ASP A 194 7.10 -10.72 -16.18
C ASP A 194 7.28 -9.96 -17.49
N LEU A 195 6.74 -10.52 -18.57
CA LEU A 195 6.74 -9.86 -19.88
C LEU A 195 5.72 -8.71 -19.95
N TYR A 196 5.74 -8.00 -21.08
CA TYR A 196 4.65 -7.11 -21.48
C TYR A 196 3.47 -7.94 -22.02
N SER A 197 2.28 -7.34 -22.02
CA SER A 197 1.19 -7.91 -22.80
C SER A 197 0.49 -6.80 -23.57
N ILE A 198 -0.14 -7.18 -24.68
CA ILE A 198 -0.99 -6.28 -25.44
C ILE A 198 -2.41 -6.88 -25.49
N ASN A 199 -3.43 -6.07 -25.22
CA ASN A 199 -4.80 -6.59 -25.24
C ASN A 199 -5.66 -5.71 -26.13
N TYR A 200 -6.33 -6.34 -27.09
CA TYR A 200 -7.22 -5.61 -27.98
C TYR A 200 -8.66 -6.09 -27.86
N LEU A 201 -9.56 -5.16 -27.59
CA LEU A 201 -10.97 -5.50 -27.43
C LEU A 201 -11.67 -5.33 -28.79
N HIS A 202 -11.80 -6.45 -29.50
CA HIS A 202 -12.41 -6.46 -30.83
C HIS A 202 -13.84 -5.94 -30.84
N PHE A 203 -14.69 -6.45 -29.97
CA PHE A 203 -16.08 -6.00 -29.93
C PHE A 203 -16.79 -6.34 -28.60
N GLY A 204 -17.89 -5.64 -28.33
CA GLY A 204 -18.76 -6.03 -27.23
C GLY A 204 -18.75 -5.00 -26.11
N GLU A 205 -19.21 -5.41 -24.94
CA GLU A 205 -19.28 -4.51 -23.79
C GLU A 205 -17.89 -4.29 -23.19
N PRO A 206 -17.72 -3.26 -22.37
CA PRO A 206 -16.36 -2.96 -21.90
C PRO A 206 -15.70 -4.01 -20.98
N LYS A 207 -14.41 -3.77 -20.73
CA LYS A 207 -13.61 -4.58 -19.82
C LYS A 207 -12.91 -3.62 -18.89
N SER A 208 -13.13 -3.77 -17.59
CA SER A 208 -12.50 -2.87 -16.63
C SER A 208 -11.28 -3.52 -16.01
N TRP A 209 -10.29 -2.69 -15.69
CA TRP A 209 -8.97 -3.11 -15.28
C TRP A 209 -8.59 -2.45 -13.96
N TYR A 210 -7.87 -3.16 -13.11
CA TYR A 210 -7.18 -2.53 -11.98
C TYR A 210 -5.69 -2.70 -12.21
N SER A 211 -4.88 -1.77 -11.71
CA SER A 211 -3.44 -1.86 -11.87
CA SER A 211 -3.45 -1.93 -11.84
C SER A 211 -2.69 -1.43 -10.61
N VAL A 212 -1.56 -2.07 -10.32
CA VAL A 212 -0.70 -1.66 -9.23
C VAL A 212 0.66 -1.35 -9.86
N PRO A 213 1.21 -0.16 -9.60
CA PRO A 213 2.56 0.19 -10.10
C PRO A 213 3.63 -0.86 -9.77
N PRO A 214 4.48 -1.22 -10.76
CA PRO A 214 5.59 -2.15 -10.53
C PRO A 214 6.43 -1.76 -9.30
N GLU A 215 6.63 -0.46 -9.10
CA GLU A 215 7.47 -0.04 -8.01
C GLU A 215 6.79 -0.32 -6.66
N HIS A 216 5.50 -0.66 -6.68
CA HIS A 216 4.80 -1.09 -5.47
C HIS A 216 4.37 -2.57 -5.52
N GLY A 217 4.79 -3.29 -6.56
CA GLY A 217 4.41 -4.67 -6.75
C GLY A 217 4.71 -5.53 -5.54
N LYS A 218 5.88 -5.31 -4.94
CA LYS A 218 6.27 -6.11 -3.80
C LYS A 218 5.33 -5.89 -2.60
N ARG A 219 4.76 -4.68 -2.48
CA ARG A 219 3.82 -4.39 -1.42
CA ARG A 219 3.81 -4.38 -1.43
C ARG A 219 2.57 -5.24 -1.59
N LEU A 220 2.11 -5.38 -2.83
CA LEU A 220 0.95 -6.21 -3.12
C LEU A 220 1.27 -7.66 -2.77
N GLU A 221 2.48 -8.12 -3.05
CA GLU A 221 2.80 -9.53 -2.78
C GLU A 221 2.82 -9.82 -1.28
N ARG A 222 3.34 -8.88 -0.49
CA ARG A 222 3.43 -9.06 0.97
C ARG A 222 2.03 -9.18 1.55
N LEU A 223 1.15 -8.29 1.11
CA LEU A 223 -0.27 -8.35 1.48
C LEU A 223 -0.92 -9.69 1.12
N ALA A 224 -0.70 -10.13 -0.13
CA ALA A 224 -1.32 -11.37 -0.61
C ALA A 224 -0.79 -12.58 0.15
N LYS A 225 0.51 -12.62 0.44
CA LYS A 225 1.07 -13.67 1.30
C LYS A 225 0.43 -13.65 2.69
N GLY A 226 0.19 -12.45 3.22
CA GLY A 226 -0.45 -12.34 4.52
C GLY A 226 -1.85 -12.93 4.50
N PHE A 227 -2.64 -12.57 3.50
CA PHE A 227 -4.01 -13.06 3.46
C PHE A 227 -4.15 -14.53 3.06
N PHE A 228 -3.16 -15.06 2.34
CA PHE A 228 -3.20 -16.47 1.92
C PHE A 228 -1.93 -17.24 2.31
N PRO A 229 -1.67 -17.41 3.63
CA PRO A 229 -0.41 -18.02 4.06
C PRO A 229 -0.25 -19.47 3.59
N GLY A 230 -1.34 -20.22 3.53
CA GLY A 230 -1.31 -21.58 2.99
C GLY A 230 -0.78 -21.64 1.57
N SER A 231 -1.35 -20.82 0.68
CA SER A 231 -0.90 -20.78 -0.71
C SER A 231 0.56 -20.30 -0.81
N ALA A 232 0.96 -19.40 0.08
CA ALA A 232 2.32 -18.87 0.03
C ALA A 232 3.32 -19.93 0.44
N GLN A 233 2.94 -20.73 1.43
CA GLN A 233 3.83 -21.77 1.92
C GLN A 233 4.12 -22.79 0.83
N SER A 234 3.11 -23.20 0.08
CA SER A 234 3.30 -24.24 -0.95
C SER A 234 3.74 -23.75 -2.34
N CYS A 235 3.75 -22.44 -2.56
CA CYS A 235 4.28 -21.95 -3.82
C CYS A 235 4.95 -20.57 -3.72
N GLU A 236 6.12 -20.45 -4.31
CA GLU A 236 6.90 -19.22 -4.25
C GLU A 236 6.26 -18.08 -5.02
N ALA A 237 5.29 -18.39 -5.88
CA ALA A 237 4.66 -17.33 -6.68
C ALA A 237 3.19 -17.65 -6.95
N PHE A 238 2.40 -17.85 -5.89
CA PHE A 238 1.06 -18.42 -6.09
C PHE A 238 0.13 -17.50 -6.90
N LEU A 239 0.43 -16.20 -6.96
CA LEU A 239 -0.43 -15.30 -7.73
C LEU A 239 -0.42 -15.66 -9.21
N ARG A 240 0.65 -16.34 -9.67
CA ARG A 240 0.74 -16.80 -11.07
C ARG A 240 -0.27 -17.92 -11.40
N HIS A 241 -0.91 -18.48 -10.38
CA HIS A 241 -2.05 -19.37 -10.63
C HIS A 241 -3.24 -18.60 -11.18
N LYS A 242 -3.26 -17.28 -10.97
CA LYS A 242 -4.36 -16.45 -11.47
C LYS A 242 -5.72 -16.91 -10.90
N MET A 243 -5.74 -17.19 -9.61
CA MET A 243 -6.96 -17.56 -8.90
C MET A 243 -7.33 -16.53 -7.84
N THR A 244 -6.48 -15.51 -7.63
CA THR A 244 -6.65 -14.66 -6.44
C THR A 244 -7.24 -13.29 -6.75
N LEU A 245 -8.43 -13.02 -6.21
CA LEU A 245 -9.12 -11.75 -6.46
C LEU A 245 -9.08 -10.93 -5.19
N ILE A 246 -8.81 -9.65 -5.34
CA ILE A 246 -8.73 -8.74 -4.21
C ILE A 246 -9.38 -7.41 -4.60
N SER A 247 -10.42 -6.99 -3.85
CA SER A 247 -11.17 -5.77 -4.19
C SER A 247 -10.34 -4.49 -3.96
N PRO A 248 -10.64 -3.42 -4.72
CA PRO A 248 -9.98 -2.13 -4.53
C PRO A 248 -10.15 -1.59 -3.09
N LEU A 249 -11.28 -1.84 -2.42
CA LEU A 249 -11.40 -1.43 -1.01
C LEU A 249 -10.36 -2.09 -0.11
N MET A 250 -10.10 -3.40 -0.29
CA MET A 250 -9.05 -4.06 0.50
C MET A 250 -7.70 -3.43 0.23
N LEU A 251 -7.44 -3.04 -1.02
CA LEU A 251 -6.16 -2.43 -1.34
C LEU A 251 -6.06 -1.07 -0.64
N LYS A 252 -7.14 -0.29 -0.66
CA LYS A 252 -7.11 1.02 0.00
C LYS A 252 -6.87 0.82 1.48
N LYS A 253 -7.57 -0.14 2.06
CA LYS A 253 -7.48 -0.42 3.48
C LYS A 253 -6.05 -0.76 3.95
N TYR A 254 -5.23 -1.30 3.06
CA TYR A 254 -3.85 -1.58 3.43
C TYR A 254 -2.82 -0.74 2.68
N GLY A 255 -3.24 0.41 2.15
CA GLY A 255 -2.29 1.36 1.62
C GLY A 255 -1.53 0.95 0.37
N ILE A 256 -2.06 -0.01 -0.40
CA ILE A 256 -1.47 -0.34 -1.69
C ILE A 256 -1.92 0.64 -2.78
N PRO A 257 -0.95 1.29 -3.43
CA PRO A 257 -1.38 2.20 -4.51
C PRO A 257 -1.93 1.42 -5.69
N PHE A 258 -2.97 1.94 -6.31
CA PHE A 258 -3.50 1.32 -7.50
C PHE A 258 -4.25 2.34 -8.31
N ASP A 259 -4.48 2.04 -9.59
CA ASP A 259 -5.33 2.84 -10.44
C ASP A 259 -6.35 1.93 -11.15
N LYS A 260 -7.38 2.52 -11.75
CA LYS A 260 -8.35 1.72 -12.50
C LYS A 260 -8.70 2.40 -13.81
N VAL A 261 -9.12 1.61 -14.78
CA VAL A 261 -9.37 2.13 -16.11
C VAL A 261 -10.34 1.18 -16.75
N THR A 262 -11.24 1.72 -17.58
CA THR A 262 -12.17 0.89 -18.30
C THR A 262 -11.90 0.88 -19.80
N GLN A 263 -11.79 -0.32 -20.35
CA GLN A 263 -11.44 -0.54 -21.76
C GLN A 263 -12.68 -0.69 -22.65
N GLU A 264 -12.79 0.16 -23.68
CA GLU A 264 -13.91 0.12 -24.61
C GLU A 264 -13.55 -0.67 -25.85
N ALA A 265 -14.55 -1.19 -26.57
CA ALA A 265 -14.31 -1.89 -27.82
C ALA A 265 -13.49 -1.05 -28.78
N GLY A 266 -12.57 -1.69 -29.50
CA GLY A 266 -11.61 -0.99 -30.36
C GLY A 266 -10.48 -0.25 -29.64
N GLU A 267 -10.24 -0.56 -28.37
CA GLU A 267 -9.10 0.03 -27.64
C GLU A 267 -8.06 -1.03 -27.24
N PHE A 268 -6.80 -0.58 -27.17
CA PHE A 268 -5.68 -1.42 -26.76
C PHE A 268 -5.34 -1.14 -25.31
N MET A 269 -4.91 -2.16 -24.58
CA MET A 269 -4.25 -1.98 -23.28
C MET A 269 -2.88 -2.64 -23.37
N ILE A 270 -1.87 -1.97 -22.82
CA ILE A 270 -0.53 -2.49 -22.70
C ILE A 270 -0.25 -2.70 -21.22
N THR A 271 0.17 -3.90 -20.83
CA THR A 271 0.68 -4.08 -19.48
C THR A 271 2.21 -4.17 -19.57
N PHE A 272 2.88 -3.66 -18.55
CA PHE A 272 4.33 -3.54 -18.52
C PHE A 272 4.95 -4.54 -17.55
N PRO A 273 6.26 -4.84 -17.72
CA PRO A 273 6.91 -5.85 -16.88
C PRO A 273 6.70 -5.63 -15.39
N TYR A 274 6.33 -6.70 -14.69
CA TYR A 274 6.01 -6.68 -13.27
C TYR A 274 4.83 -5.77 -12.88
N GLY A 275 3.96 -5.45 -13.85
CA GLY A 275 2.75 -4.69 -13.51
C GLY A 275 1.61 -5.60 -13.11
N TYR A 276 1.28 -5.67 -11.82
CA TYR A 276 0.12 -6.47 -11.39
C TYR A 276 -1.17 -5.84 -11.89
N HIS A 277 -2.06 -6.69 -12.44
CA HIS A 277 -3.38 -6.23 -12.89
C HIS A 277 -4.47 -7.28 -12.70
N ALA A 278 -5.71 -6.82 -12.66
CA ALA A 278 -6.88 -7.67 -12.56
C ALA A 278 -8.06 -6.90 -13.13
N GLY A 279 -9.22 -7.54 -13.23
CA GLY A 279 -10.41 -6.86 -13.70
C GLY A 279 -11.54 -7.80 -14.03
N PHE A 280 -12.53 -7.30 -14.77
CA PHE A 280 -13.71 -8.07 -15.13
C PHE A 280 -14.33 -7.53 -16.42
N ASN A 281 -15.11 -8.37 -17.08
CA ASN A 281 -15.86 -7.97 -18.26
C ASN A 281 -17.30 -7.49 -17.91
N HIS A 282 -17.77 -6.44 -18.60
CA HIS A 282 -19.11 -5.88 -18.40
C HIS A 282 -20.23 -6.73 -18.99
N GLY A 283 -19.95 -7.40 -20.10
CA GLY A 283 -20.97 -8.20 -20.75
C GLY A 283 -20.36 -9.07 -21.83
N PHE A 284 -21.16 -9.39 -22.84
CA PHE A 284 -20.65 -10.14 -23.97
C PHE A 284 -19.61 -9.33 -24.70
N ASN A 285 -18.43 -9.91 -24.89
CA ASN A 285 -17.37 -9.25 -25.64
C ASN A 285 -16.34 -10.24 -26.15
N CYS A 286 -15.32 -9.70 -26.80
CA CYS A 286 -14.26 -10.51 -27.41
C CYS A 286 -12.93 -9.76 -27.42
N ALA A 287 -11.88 -10.38 -26.87
CA ALA A 287 -10.59 -9.71 -26.75
C ALA A 287 -9.45 -10.59 -27.24
N GLU A 288 -8.43 -9.96 -27.82
CA GLU A 288 -7.28 -10.69 -28.29
C GLU A 288 -6.02 -10.19 -27.61
N SER A 289 -5.17 -11.11 -27.18
CA SER A 289 -3.95 -10.70 -26.49
C SER A 289 -2.78 -11.65 -26.77
N THR A 290 -1.58 -11.16 -26.51
CA THR A 290 -0.37 -11.95 -26.51
C THR A 290 0.69 -11.22 -25.65
N ASN A 291 1.84 -11.84 -25.41
CA ASN A 291 2.95 -11.14 -24.73
C ASN A 291 3.94 -10.58 -25.74
N PHE A 292 4.77 -9.64 -25.30
CA PHE A 292 5.91 -9.19 -26.10
C PHE A 292 6.99 -8.67 -25.18
N ALA A 293 8.11 -8.29 -25.77
CA ALA A 293 9.27 -7.87 -25.00
C ALA A 293 9.91 -6.60 -25.58
N THR A 294 10.69 -5.93 -24.73
CA THR A 294 11.64 -4.89 -25.12
C THR A 294 12.96 -5.24 -24.46
N ARG A 295 14.00 -4.45 -24.76
CA ARG A 295 15.34 -4.70 -24.20
C ARG A 295 15.30 -4.57 -22.67
N ARG A 296 14.47 -3.66 -22.19
CA ARG A 296 14.23 -3.48 -20.75
C ARG A 296 13.74 -4.77 -20.08
N TRP A 297 12.87 -5.53 -20.77
CA TRP A 297 12.27 -6.72 -20.15
C TRP A 297 13.33 -7.73 -19.67
N ILE A 298 14.48 -7.77 -20.35
CA ILE A 298 15.43 -8.86 -20.17
C ILE A 298 15.84 -9.03 -18.72
N GLU A 299 16.10 -7.92 -18.05
CA GLU A 299 16.48 -7.96 -16.65
C GLU A 299 15.31 -8.49 -15.81
N TYR A 300 14.10 -8.09 -16.18
CA TYR A 300 12.92 -8.57 -15.47
C TYR A 300 12.83 -10.08 -15.63
N GLY A 301 13.02 -10.54 -16.87
CA GLY A 301 13.03 -11.97 -17.17
C GLY A 301 14.06 -12.72 -16.35
N LYS A 302 15.26 -12.15 -16.22
CA LYS A 302 16.29 -12.84 -15.45
C LYS A 302 15.90 -12.98 -14.00
N GLN A 303 15.12 -12.03 -13.50
CA GLN A 303 14.81 -12.02 -12.05
C GLN A 303 13.41 -12.48 -11.71
N ALA A 304 12.58 -12.80 -12.71
CA ALA A 304 11.18 -13.20 -12.42
C ALA A 304 11.15 -14.35 -11.45
N VAL A 305 10.31 -14.22 -10.43
CA VAL A 305 10.11 -15.30 -9.47
C VAL A 305 8.95 -16.19 -9.97
N LEU A 306 9.25 -17.45 -10.24
CA LEU A 306 8.31 -18.31 -10.96
C LEU A 306 7.59 -19.29 -10.05
N CYS A 307 6.41 -19.71 -10.52
CA CYS A 307 5.63 -20.75 -9.86
C CYS A 307 6.45 -22.03 -9.65
N SER A 308 6.56 -22.44 -8.39
CA SER A 308 7.40 -23.58 -8.02
C SER A 308 6.67 -24.91 -7.81
N CYS A 309 5.34 -24.91 -7.92
CA CYS A 309 4.58 -26.09 -7.55
C CYS A 309 3.93 -26.82 -8.73
N ARG A 310 4.14 -26.35 -9.95
CA ARG A 310 3.69 -27.07 -11.16
C ARG A 310 4.84 -27.19 -12.14
N LYS A 311 4.96 -28.38 -12.74
CA LYS A 311 6.00 -28.64 -13.75
C LYS A 311 5.58 -28.10 -15.11
N ASP A 312 4.30 -27.73 -15.21
CA ASP A 312 3.69 -27.35 -16.47
C ASP A 312 3.71 -25.82 -16.69
N MET A 313 4.37 -25.08 -15.80
CA MET A 313 4.33 -23.62 -15.92
C MET A 313 5.32 -23.04 -16.92
N VAL A 314 5.00 -21.84 -17.40
CA VAL A 314 5.78 -21.17 -18.45
C VAL A 314 7.15 -20.72 -18.00
N LYS A 315 8.19 -21.37 -18.53
CA LYS A 315 9.56 -21.02 -18.25
C LYS A 315 10.37 -20.83 -19.53
N ILE A 316 10.83 -19.61 -19.73
CA ILE A 316 11.59 -19.22 -20.92
C ILE A 316 13.09 -19.14 -20.54
N SER A 317 13.95 -19.78 -21.34
CA SER A 317 15.39 -19.72 -21.09
C SER A 317 15.91 -18.33 -21.40
N MET A 318 16.52 -17.69 -20.41
CA MET A 318 17.01 -16.32 -20.58
C MET A 318 18.37 -16.27 -21.29
N ASP A 319 18.98 -17.45 -21.41
CA ASP A 319 20.35 -17.58 -21.86
C ASP A 319 20.65 -16.82 -23.16
N VAL A 320 19.82 -17.02 -24.16
CA VAL A 320 20.03 -16.37 -25.45
C VAL A 320 19.83 -14.84 -25.40
N PHE A 321 19.02 -14.34 -24.47
CA PHE A 321 18.85 -12.89 -24.34
C PHE A 321 20.07 -12.24 -23.70
N VAL A 322 20.61 -12.90 -22.69
CA VAL A 322 21.77 -12.38 -21.97
C VAL A 322 23.00 -12.43 -22.87
N ARG A 323 23.16 -13.54 -23.61
CA ARG A 323 24.27 -13.65 -24.55
C ARG A 323 24.21 -12.54 -25.59
N LYS A 324 23.03 -12.27 -26.13
CA LYS A 324 22.98 -11.31 -27.23
C LYS A 324 22.95 -9.86 -26.78
N PHE A 325 22.24 -9.53 -25.69
CA PHE A 325 22.06 -8.12 -25.32
C PHE A 325 22.82 -7.67 -24.06
N GLN A 326 23.35 -8.62 -23.31
CA GLN A 326 24.17 -8.30 -22.15
C GLN A 326 25.45 -9.17 -22.11
N PRO A 327 26.23 -9.19 -23.21
CA PRO A 327 27.33 -10.17 -23.34
C PRO A 327 28.38 -10.05 -22.24
N GLU A 328 28.58 -8.84 -21.74
CA GLU A 328 29.57 -8.61 -20.70
C GLU A 328 29.13 -9.14 -19.33
N ARG A 329 27.85 -9.51 -19.19
CA ARG A 329 27.38 -10.02 -17.90
C ARG A 329 27.12 -11.52 -17.94
N TYR A 330 27.28 -12.12 -19.12
CA TYR A 330 26.96 -13.53 -19.30
C TYR A 330 27.73 -14.42 -18.33
N LYS A 331 29.06 -14.28 -18.30
CA LYS A 331 29.89 -15.06 -17.37
C LYS A 331 29.44 -14.82 -15.92
N LEU A 332 29.21 -13.56 -15.57
CA LEU A 332 28.79 -13.24 -14.22
C LEU A 332 27.41 -13.84 -13.91
N TRP A 333 26.46 -13.63 -14.81
CA TRP A 333 25.07 -14.08 -14.60
C TRP A 333 25.05 -15.60 -14.43
N LYS A 334 25.74 -16.29 -15.34
CA LYS A 334 25.81 -17.74 -15.35
C LYS A 334 26.56 -18.26 -14.12
N ALA A 335 27.38 -17.42 -13.51
CA ALA A 335 28.01 -17.81 -12.25
C ALA A 335 27.17 -17.37 -11.04
N GLY A 336 25.94 -16.95 -11.29
CA GLY A 336 25.06 -16.49 -10.23
C GLY A 336 25.54 -15.29 -9.43
N LYS A 337 26.41 -14.46 -10.03
CA LYS A 337 26.96 -13.33 -9.30
C LYS A 337 26.47 -11.97 -9.83
N ASP A 338 25.53 -11.98 -10.79
CA ASP A 338 24.99 -10.73 -11.33
C ASP A 338 23.92 -10.14 -10.39
N ASN A 339 24.28 -9.09 -9.67
CA ASN A 339 23.35 -8.50 -8.71
C ASN A 339 22.76 -7.16 -9.17
N THR A 340 22.55 -7.03 -10.48
CA THR A 340 21.91 -5.83 -11.05
C THR A 340 20.58 -5.55 -10.36
N VAL A 341 20.42 -4.34 -9.86
CA VAL A 341 19.17 -3.99 -9.20
C VAL A 341 18.33 -3.25 -10.21
N ILE A 342 17.07 -3.66 -10.35
CA ILE A 342 16.13 -3.04 -11.28
C ILE A 342 15.55 -1.70 -10.79
N ASP A 343 15.62 -0.67 -11.62
CA ASP A 343 14.95 0.60 -11.37
C ASP A 343 13.70 0.67 -12.22
N HIS A 344 12.54 0.53 -11.58
CA HIS A 344 11.26 0.47 -12.29
C HIS A 344 10.90 1.76 -13.02
N THR A 345 11.51 2.89 -12.65
CA THR A 345 11.16 4.17 -13.29
C THR A 345 11.83 4.37 -14.65
N LEU A 346 12.94 3.67 -14.89
CA LEU A 346 13.67 3.84 -16.14
C LEU A 346 12.87 3.36 -17.35
N PRO A 347 12.88 4.14 -18.45
CA PRO A 347 12.34 3.67 -19.74
C PRO A 347 13.31 2.73 -20.46
N THR A 348 12.79 1.99 -21.46
CA THR A 348 13.62 1.05 -22.22
C THR A 348 14.62 1.83 -23.09
N PRO A 349 15.84 1.30 -23.26
CA PRO A 349 16.91 1.90 -24.07
C PRO A 349 16.47 2.41 -25.45
N GLU A 350 15.57 1.68 -26.13
CA GLU A 350 15.17 2.05 -27.50
C GLU A 350 14.55 3.44 -27.57
N ALA A 351 14.06 3.96 -26.44
CA ALA A 351 13.45 5.29 -26.40
C ALA A 351 14.45 6.45 -26.58
N ALA A 352 15.71 6.12 -26.84
CA ALA A 352 16.71 7.15 -27.15
C ALA A 352 16.48 7.76 -28.54
N GLU A 353 15.81 7.03 -29.42
CA GLU A 353 15.50 7.50 -30.79
C GLU A 353 14.50 8.65 -30.83
N PRO B 11 -1.30 -10.16 10.56
CA PRO B 11 -1.91 -10.09 9.23
C PRO B 11 -3.25 -9.41 9.32
N SER B 12 -3.93 -9.69 10.45
CA SER B 12 -5.05 -8.87 10.89
C SER B 12 -4.51 -7.99 12.02
N ALA B 13 -3.19 -7.91 12.08
CA ALA B 13 -2.48 -6.99 12.96
C ALA B 13 -1.61 -6.07 12.11
N ARG B 14 -1.99 -5.89 10.85
CA ARG B 14 -1.25 -4.97 9.97
C ARG B 14 -1.90 -3.60 9.96
N ILE B 15 -1.06 -2.57 9.86
CA ILE B 15 -1.57 -1.20 9.88
C ILE B 15 -2.63 -0.99 8.80
N MET B 16 -3.80 -0.50 9.21
CA MET B 16 -4.88 -0.22 8.27
C MET B 16 -5.04 1.28 8.02
N THR B 17 -5.55 1.64 6.86
CA THR B 17 -5.77 3.01 6.47
C THR B 17 -7.26 3.18 6.26
N PHE B 18 -7.81 4.33 6.64
CA PHE B 18 -9.25 4.59 6.53
C PHE B 18 -9.55 5.91 5.85
N TYR B 19 -10.69 5.96 5.18
CA TYR B 19 -11.07 7.14 4.41
C TYR B 19 -12.48 7.56 4.75
N PRO B 20 -12.67 8.20 5.93
CA PRO B 20 -14.04 8.57 6.29
C PRO B 20 -14.65 9.63 5.36
N THR B 21 -15.97 9.59 5.15
CA THR B 21 -16.66 10.69 4.49
C THR B 21 -16.65 11.93 5.39
N MET B 22 -17.27 13.02 4.93
CA MET B 22 -17.35 14.22 5.76
C MET B 22 -18.36 14.02 6.88
N GLU B 23 -19.43 13.29 6.60
CA GLU B 23 -20.44 12.99 7.60
C GLU B 23 -19.87 12.10 8.70
N GLU B 24 -19.02 11.15 8.35
CA GLU B 24 -18.45 10.24 9.36
C GLU B 24 -17.36 10.92 10.16
N PHE B 25 -16.78 11.94 9.57
CA PHE B 25 -15.61 12.61 10.12
C PHE B 25 -15.97 13.51 11.30
N ARG B 26 -17.24 13.90 11.40
CA ARG B 26 -17.58 14.96 12.35
C ARG B 26 -17.72 14.42 13.77
N ASN B 27 -18.07 13.15 13.91
CA ASN B 27 -18.12 12.57 15.24
C ASN B 27 -16.84 11.74 15.50
N PHE B 28 -15.90 12.33 16.23
CA PHE B 28 -14.56 11.77 16.41
C PHE B 28 -14.54 10.45 17.19
N SER B 29 -15.15 10.45 18.37
CA SER B 29 -15.19 9.26 19.19
C SER B 29 -15.94 8.12 18.50
N ARG B 30 -16.97 8.45 17.74
CA ARG B 30 -17.74 7.44 17.03
C ARG B 30 -16.83 6.78 15.98
N TYR B 31 -16.06 7.59 15.27
CA TYR B 31 -15.23 7.05 14.21
C TYR B 31 -14.11 6.17 14.75
N ILE B 32 -13.46 6.61 15.83
CA ILE B 32 -12.47 5.75 16.51
C ILE B 32 -13.11 4.42 16.89
N ALA B 33 -14.31 4.44 17.46
CA ALA B 33 -14.98 3.20 17.79
C ALA B 33 -15.24 2.36 16.53
N TYR B 34 -15.56 3.01 15.42
CA TYR B 34 -15.76 2.30 14.17
C TYR B 34 -14.51 1.60 13.66
N ILE B 35 -13.39 2.32 13.58
CA ILE B 35 -12.19 1.70 13.05
C ILE B 35 -11.73 0.57 13.98
N GLU B 36 -12.11 0.64 15.25
CA GLU B 36 -11.81 -0.49 16.13
C GLU B 36 -12.69 -1.70 15.75
N SER B 37 -13.94 -1.46 15.39
CA SER B 37 -14.79 -2.58 14.98
C SER B 37 -14.23 -3.22 13.71
N GLN B 38 -13.37 -2.50 12.99
CA GLN B 38 -12.70 -3.04 11.81
C GLN B 38 -11.33 -3.69 12.13
N GLY B 39 -10.99 -3.78 13.42
CA GLY B 39 -9.72 -4.34 13.84
C GLY B 39 -8.49 -3.43 13.76
N ALA B 40 -8.69 -2.13 13.55
CA ALA B 40 -7.57 -1.20 13.41
C ALA B 40 -6.63 -1.19 14.60
N HIS B 41 -7.15 -1.55 15.77
CA HIS B 41 -6.37 -1.41 17.01
C HIS B 41 -5.35 -2.51 17.20
N ARG B 42 -5.57 -3.63 16.52
CA ARG B 42 -4.69 -4.78 16.68
C ARG B 42 -3.26 -4.45 16.28
N ALA B 43 -3.09 -3.60 15.28
CA ALA B 43 -1.76 -3.23 14.80
C ALA B 43 -1.04 -2.29 15.75
N GLY B 44 -1.82 -1.64 16.62
CA GLY B 44 -1.33 -0.61 17.52
C GLY B 44 -1.25 0.77 16.88
N LEU B 45 -1.52 0.83 15.59
CA LEU B 45 -1.33 2.05 14.79
C LEU B 45 -2.21 2.01 13.53
N ALA B 46 -2.89 3.11 13.25
CA ALA B 46 -3.76 3.21 12.08
C ALA B 46 -3.67 4.60 11.46
N LYS B 47 -3.76 4.67 10.13
CA LYS B 47 -3.82 5.96 9.46
C LYS B 47 -5.27 6.31 9.10
N VAL B 48 -5.60 7.58 9.20
CA VAL B 48 -6.90 8.12 8.80
C VAL B 48 -6.67 9.31 7.87
N VAL B 49 -7.10 9.18 6.62
CA VAL B 49 -7.01 10.24 5.63
C VAL B 49 -8.32 11.04 5.63
N PRO B 50 -8.23 12.34 5.93
CA PRO B 50 -9.45 13.17 6.01
C PRO B 50 -10.09 13.45 4.63
N PRO B 51 -11.39 13.79 4.62
CA PRO B 51 -12.08 14.29 3.43
C PRO B 51 -11.29 15.44 2.77
N LYS B 52 -11.27 15.50 1.44
CA LYS B 52 -10.57 16.58 0.73
C LYS B 52 -11.17 17.95 1.04
N GLU B 53 -12.43 17.95 1.48
CA GLU B 53 -13.18 19.19 1.71
C GLU B 53 -12.62 19.87 2.95
N TRP B 54 -11.91 19.08 3.75
CA TRP B 54 -11.48 19.48 5.08
C TRP B 54 -10.05 20.02 5.07
N LYS B 55 -9.86 21.14 5.74
CA LYS B 55 -8.53 21.68 6.04
C LYS B 55 -8.60 22.31 7.43
N PRO B 56 -7.57 22.06 8.27
CA PRO B 56 -7.64 22.53 9.66
C PRO B 56 -7.36 24.02 9.79
N ARG B 57 -6.66 24.55 8.80
CA ARG B 57 -6.21 25.92 8.79
C ARG B 57 -6.07 26.40 7.35
N ALA B 58 -6.46 27.65 7.09
CA ALA B 58 -6.44 28.18 5.74
C ALA B 58 -5.05 28.23 5.13
N SER B 59 -4.04 28.57 5.92
CA SER B 59 -2.70 28.77 5.37
C SER B 59 -1.59 28.69 6.43
N TYR B 60 -0.36 28.39 6.02
CA TYR B 60 0.77 28.21 6.95
C TYR B 60 1.99 29.10 6.68
N ASP B 61 1.76 30.40 6.46
CA ASP B 61 2.88 31.32 6.23
C ASP B 61 2.83 32.49 7.20
N ASP B 62 1.74 32.55 7.97
CA ASP B 62 1.61 33.53 9.03
C ASP B 62 2.13 32.98 10.37
N ILE B 63 3.17 32.14 10.33
CA ILE B 63 3.68 31.55 11.55
C ILE B 63 5.19 31.49 11.58
N ASP B 64 5.87 32.20 10.71
CA ASP B 64 7.34 32.18 10.77
C ASP B 64 7.85 32.91 12.00
N ASP B 65 6.93 33.55 12.72
CA ASP B 65 7.23 34.27 13.96
C ASP B 65 6.88 33.42 15.18
N LEU B 66 6.40 32.22 14.95
CA LEU B 66 6.20 31.25 16.01
C LEU B 66 7.54 30.90 16.66
N VAL B 67 7.53 30.88 17.99
CA VAL B 67 8.73 30.59 18.77
C VAL B 67 8.83 29.11 19.14
N ILE B 68 9.98 28.50 18.85
CA ILE B 68 10.30 27.18 19.37
C ILE B 68 11.17 27.34 20.61
N PRO B 69 10.53 27.30 21.80
CA PRO B 69 11.18 27.62 23.08
C PRO B 69 12.36 26.70 23.42
N ALA B 70 12.20 25.40 23.16
CA ALA B 70 13.19 24.43 23.59
C ALA B 70 13.61 23.41 22.51
N PRO B 71 14.29 23.88 21.45
CA PRO B 71 14.81 22.98 20.43
C PRO B 71 15.72 21.94 21.05
N ILE B 72 15.75 20.75 20.48
CA ILE B 72 16.56 19.66 20.98
C ILE B 72 17.53 19.15 19.92
N GLN B 73 18.83 19.16 20.21
CA GLN B 73 19.75 18.46 19.33
C GLN B 73 19.77 17.00 19.74
N GLN B 74 19.67 16.09 18.76
CA GLN B 74 19.59 14.66 19.06
C GLN B 74 20.89 13.93 18.74
N LEU B 75 21.67 13.70 19.78
CA LEU B 75 22.82 12.83 19.69
C LEU B 75 22.47 11.38 19.94
N VAL B 76 23.14 10.51 19.20
CA VAL B 76 22.84 9.09 19.20
C VAL B 76 24.11 8.27 19.18
N THR B 77 24.30 7.48 20.22
CA THR B 77 25.36 6.50 20.26
C THR B 77 24.77 5.10 20.15
N GLY B 78 25.46 4.21 19.44
CA GLY B 78 25.05 2.82 19.34
C GLY B 78 25.71 2.09 18.19
N GLN B 79 25.32 0.82 18.00
CA GLN B 79 25.84 -0.04 16.93
C GLN B 79 24.95 -1.29 16.79
N SER B 80 25.07 -1.98 15.66
CA SER B 80 24.32 -3.23 15.41
C SER B 80 22.83 -3.10 15.69
N GLY B 81 22.23 -2.00 15.26
CA GLY B 81 20.81 -1.77 15.38
C GLY B 81 20.30 -1.26 16.72
N LEU B 82 21.16 -1.25 17.73
CA LEU B 82 20.72 -0.79 19.05
C LEU B 82 21.34 0.56 19.38
N PHE B 83 20.51 1.53 19.75
CA PHE B 83 21.01 2.90 19.96
C PHE B 83 20.34 3.56 21.15
N THR B 84 21.06 4.52 21.76
CA THR B 84 20.50 5.38 22.80
C THR B 84 20.59 6.84 22.37
N GLN B 85 19.48 7.55 22.45
CA GLN B 85 19.37 8.94 22.04
C GLN B 85 19.46 9.89 23.24
N TYR B 86 20.35 10.87 23.15
CA TYR B 86 20.55 11.88 24.19
C TYR B 86 20.10 13.26 23.70
N ASN B 87 19.36 13.98 24.53
CA ASN B 87 18.90 15.31 24.18
C ASN B 87 19.84 16.40 24.66
N ILE B 88 20.05 17.39 23.80
CA ILE B 88 20.73 18.62 24.19
C ILE B 88 19.82 19.76 23.85
N GLN B 89 19.33 20.49 24.84
CA GLN B 89 18.50 21.65 24.57
C GLN B 89 19.38 22.75 23.96
N LYS B 90 18.87 23.42 22.95
CA LYS B 90 19.57 24.55 22.37
C LYS B 90 18.79 25.82 22.69
N LYS B 91 19.33 26.99 22.34
CA LYS B 91 18.65 28.24 22.62
C LYS B 91 17.38 28.30 21.79
N ALA B 92 16.37 29.02 22.28
CA ALA B 92 15.15 29.21 21.51
C ALA B 92 15.44 29.73 20.11
N MET B 93 14.49 29.51 19.21
CA MET B 93 14.57 29.98 17.83
C MET B 93 13.17 30.00 17.23
N THR B 94 12.99 30.72 16.12
CA THR B 94 11.67 30.75 15.48
C THR B 94 11.57 29.71 14.37
N VAL B 95 10.33 29.43 13.95
CA VAL B 95 10.06 28.57 12.79
C VAL B 95 10.93 28.94 11.61
N ARG B 96 11.05 30.25 11.36
CA ARG B 96 11.84 30.75 10.22
C ARG B 96 13.30 30.32 10.29
N GLU B 97 13.92 30.42 11.46
CA GLU B 97 15.32 30.05 11.58
C GLU B 97 15.48 28.54 11.59
N PHE B 98 14.51 27.83 12.18
CA PHE B 98 14.52 26.36 12.16
C PHE B 98 14.42 25.87 10.73
N ARG B 99 13.37 26.29 10.02
CA ARG B 99 13.18 25.97 8.59
C ARG B 99 14.45 26.15 7.79
N LYS B 100 15.09 27.30 7.98
CA LYS B 100 16.29 27.60 7.23
C LYS B 100 17.40 26.60 7.54
N ILE B 101 17.52 26.18 8.80
CA ILE B 101 18.52 25.18 9.14
C ILE B 101 18.09 23.79 8.63
N ALA B 102 16.79 23.53 8.64
CA ALA B 102 16.23 22.26 8.17
C ALA B 102 16.48 22.12 6.69
N ASN B 103 16.13 23.17 5.94
CA ASN B 103 16.24 23.17 4.48
C ASN B 103 17.67 23.46 4.02
N SER B 104 18.50 23.92 4.95
CA SER B 104 19.97 24.02 4.76
C SER B 104 20.59 22.80 4.08
N ASP B 105 21.79 22.96 3.54
CA ASP B 105 22.39 21.90 2.74
C ASP B 105 22.94 20.76 3.57
N LYS B 106 23.31 21.06 4.81
CA LYS B 106 23.95 20.07 5.66
C LYS B 106 22.89 19.26 6.42
N TYR B 107 21.70 19.84 6.57
CA TYR B 107 20.62 19.20 7.31
C TYR B 107 19.36 18.91 6.46
N CYS B 108 19.47 18.91 5.13
CA CYS B 108 18.29 18.60 4.32
C CYS B 108 18.32 17.13 3.89
N THR B 109 17.13 16.63 3.53
CA THR B 109 16.96 15.28 3.00
C THR B 109 17.99 15.00 1.91
N PRO B 110 18.64 13.83 1.96
CA PRO B 110 19.53 13.39 0.89
C PRO B 110 18.77 12.93 -0.37
N ARG B 111 19.52 12.56 -1.41
CA ARG B 111 18.94 12.10 -2.66
C ARG B 111 18.51 10.64 -2.55
N TYR B 112 17.29 10.35 -2.95
CA TYR B 112 16.79 8.98 -2.94
C TYR B 112 15.70 8.76 -3.99
N SER B 113 15.46 7.49 -4.31
CA SER B 113 14.41 7.09 -5.24
C SER B 113 13.17 6.54 -4.51
N GLU B 114 13.31 5.35 -3.93
CA GLU B 114 12.23 4.72 -3.16
C GLU B 114 12.37 4.97 -1.65
N PHE B 115 11.32 4.66 -0.89
CA PHE B 115 11.37 4.84 0.56
C PHE B 115 12.38 3.90 1.20
N GLU B 116 12.50 2.69 0.68
CA GLU B 116 13.43 1.72 1.26
C GLU B 116 14.86 2.26 1.26
N GLU B 117 15.18 3.12 0.29
CA GLU B 117 16.52 3.66 0.23
C GLU B 117 16.70 4.72 1.33
N LEU B 118 15.72 5.60 1.48
CA LEU B 118 15.79 6.62 2.52
C LEU B 118 15.86 5.94 3.90
N GLU B 119 15.05 4.90 4.08
CA GLU B 119 15.05 4.13 5.32
C GLU B 119 16.43 3.57 5.63
N ARG B 120 17.06 2.97 4.63
CA ARG B 120 18.45 2.50 4.76
C ARG B 120 19.39 3.64 5.17
N LYS B 121 19.30 4.77 4.50
CA LYS B 121 20.15 5.90 4.84
C LYS B 121 19.91 6.37 6.28
N TYR B 122 18.64 6.38 6.73
CA TYR B 122 18.34 6.71 8.12
C TYR B 122 19.11 5.84 9.11
N TRP B 123 19.01 4.51 8.98
CA TRP B 123 19.62 3.58 9.93
C TRP B 123 21.13 3.51 9.79
N LYS B 124 21.63 3.90 8.63
CA LYS B 124 23.07 3.91 8.41
C LYS B 124 23.73 5.17 8.99
N ASN B 125 23.05 6.30 8.93
CA ASN B 125 23.63 7.57 9.35
C ASN B 125 23.02 8.15 10.62
N LEU B 126 22.34 7.28 11.38
CA LEU B 126 21.62 7.63 12.61
C LEU B 126 22.48 8.44 13.60
N THR B 127 23.70 7.94 13.81
CA THR B 127 24.62 8.50 14.79
C THR B 127 25.51 9.64 14.28
N PHE B 128 25.33 10.04 13.01
CA PHE B 128 26.16 11.08 12.41
C PHE B 128 25.38 12.38 12.26
N ASN B 129 26.10 13.50 12.30
CA ASN B 129 25.51 14.79 11.99
C ASN B 129 24.21 15.06 12.77
N PRO B 130 24.28 15.12 14.10
CA PRO B 130 23.07 15.24 14.92
C PRO B 130 22.12 16.37 14.52
N PRO B 131 20.85 16.02 14.28
CA PRO B 131 19.84 17.01 13.87
C PRO B 131 19.26 17.76 15.04
N ILE B 132 18.31 18.64 14.75
CA ILE B 132 17.66 19.41 15.78
C ILE B 132 16.18 19.23 15.55
N TYR B 133 15.45 19.00 16.64
CA TYR B 133 14.02 18.71 16.59
C TYR B 133 13.30 19.76 17.39
N GLY B 134 12.39 20.47 16.74
CA GLY B 134 11.61 21.48 17.40
C GLY B 134 10.42 20.84 18.06
N ALA B 135 10.70 20.03 19.07
CA ALA B 135 9.71 19.14 19.66
C ALA B 135 9.00 19.77 20.87
N ASP B 136 7.84 19.22 21.20
CA ASP B 136 7.13 19.54 22.44
C ASP B 136 6.81 21.02 22.58
N VAL B 137 6.54 21.67 21.46
CA VAL B 137 6.10 23.06 21.47
C VAL B 137 4.63 23.17 21.81
N ASN B 138 4.33 23.76 22.96
CA ASN B 138 2.94 24.04 23.30
C ASN B 138 2.29 24.89 22.25
N GLY B 139 1.09 24.46 21.82
CA GLY B 139 0.29 25.17 20.84
C GLY B 139 -0.53 24.29 19.90
N THR B 140 -1.44 24.94 19.19
CA THR B 140 -2.28 24.32 18.17
C THR B 140 -2.27 25.19 16.92
N LEU B 141 -2.02 24.59 15.76
CA LEU B 141 -2.10 25.34 14.51
C LEU B 141 -3.49 25.31 13.92
N TYR B 142 -4.41 24.64 14.60
CA TYR B 142 -5.78 24.65 14.13
C TYR B 142 -6.28 26.07 14.26
N GLU B 143 -7.16 26.45 13.35
CA GLU B 143 -7.80 27.73 13.45
C GLU B 143 -9.08 27.50 14.23
N LYS B 144 -9.38 28.42 15.15
CA LYS B 144 -10.41 28.27 16.17
C LYS B 144 -11.77 27.82 15.66
N HIS B 145 -11.99 27.96 14.36
CA HIS B 145 -13.28 27.71 13.71
C HIS B 145 -13.60 26.21 13.58
N VAL B 146 -12.55 25.41 13.47
CA VAL B 146 -12.68 24.01 13.06
C VAL B 146 -13.17 23.08 14.16
N ASP B 147 -14.38 22.52 13.98
CA ASP B 147 -14.96 21.64 15.01
C ASP B 147 -14.79 20.14 14.71
N GLU B 148 -14.10 19.81 13.63
CA GLU B 148 -13.93 18.41 13.26
C GLU B 148 -12.50 17.96 13.55
N TRP B 149 -12.35 16.97 14.42
CA TRP B 149 -11.04 16.43 14.77
C TRP B 149 -10.07 17.51 15.26
N ASN B 150 -10.55 18.38 16.14
CA ASN B 150 -9.69 19.42 16.70
C ASN B 150 -8.87 18.83 17.83
N ILE B 151 -7.57 18.73 17.61
CA ILE B 151 -6.64 18.12 18.54
C ILE B 151 -6.62 18.88 19.89
N GLY B 152 -6.94 20.18 19.83
CA GLY B 152 -7.03 20.99 21.04
C GLY B 152 -8.26 20.70 21.89
N ARG B 153 -9.27 20.06 21.32
CA ARG B 153 -10.50 19.82 22.05
C ARG B 153 -11.34 18.63 21.52
N LEU B 154 -10.84 17.41 21.69
CA LEU B 154 -11.51 16.24 21.11
C LEU B 154 -12.67 15.79 21.97
N ARG B 155 -12.74 16.35 23.18
CA ARG B 155 -13.82 16.09 24.13
C ARG B 155 -14.08 14.59 24.38
N THR B 156 -13.01 13.82 24.57
CA THR B 156 -13.15 12.42 24.99
C THR B 156 -13.16 12.36 26.51
N ILE B 157 -13.46 11.18 27.05
CA ILE B 157 -13.49 10.99 28.49
C ILE B 157 -12.18 11.30 29.18
N LEU B 158 -11.11 11.53 28.43
CA LEU B 158 -9.84 11.94 29.04
C LEU B 158 -9.99 13.29 29.73
N ASP B 159 -10.93 14.09 29.24
CA ASP B 159 -11.14 15.43 29.79
C ASP B 159 -11.66 15.39 31.22
N LEU B 160 -12.11 14.23 31.69
CA LEU B 160 -12.43 14.04 33.11
C LEU B 160 -11.23 14.24 34.04
N VAL B 161 -10.04 14.36 33.46
CA VAL B 161 -8.88 14.76 34.23
C VAL B 161 -8.91 16.27 34.42
N GLU B 162 -9.42 16.98 33.42
CA GLU B 162 -9.54 18.44 33.48
C GLU B 162 -10.91 18.84 34.04
N LYS B 163 -11.97 18.38 33.38
CA LYS B 163 -13.36 18.73 33.73
C LYS B 163 -13.76 18.46 35.19
N GLU B 164 -13.50 17.26 35.68
CA GLU B 164 -13.93 16.89 37.04
C GLU B 164 -12.80 16.98 38.08
N SER B 165 -11.55 17.13 37.63
CA SER B 165 -10.41 17.14 38.55
C SER B 165 -9.56 18.42 38.43
N GLY B 166 -9.76 19.18 37.36
CA GLY B 166 -9.10 20.48 37.24
C GLY B 166 -7.63 20.40 36.91
N ILE B 167 -7.18 19.25 36.41
CA ILE B 167 -5.75 19.07 36.10
C ILE B 167 -5.51 19.10 34.58
N THR B 168 -4.61 19.98 34.15
CA THR B 168 -4.23 20.01 32.74
C THR B 168 -2.80 19.48 32.61
N ILE B 169 -2.59 18.60 31.63
CA ILE B 169 -1.29 17.96 31.47
C ILE B 169 -0.74 18.22 30.08
N GLU B 170 0.32 19.02 30.04
CA GLU B 170 0.91 19.53 28.80
C GLU B 170 1.29 18.43 27.82
N GLY B 171 0.78 18.53 26.60
CA GLY B 171 0.96 17.52 25.57
C GLY B 171 0.05 16.31 25.72
N VAL B 172 -0.66 16.22 26.84
CA VAL B 172 -1.45 15.05 27.17
C VAL B 172 -2.95 15.28 27.02
N ASN B 173 -3.50 16.30 27.69
CA ASN B 173 -4.83 16.74 27.27
C ASN B 173 -4.78 18.11 26.60
N THR B 174 -3.57 18.57 26.28
CA THR B 174 -3.37 19.81 25.54
C THR B 174 -2.46 19.51 24.34
N PRO B 175 -2.54 20.34 23.27
CA PRO B 175 -1.81 19.97 22.05
C PRO B 175 -0.36 20.42 22.07
N TYR B 176 0.45 19.68 21.33
CA TYR B 176 1.87 19.91 21.17
C TYR B 176 2.16 20.06 19.68
N LEU B 177 3.17 20.83 19.33
CA LEU B 177 3.59 20.91 17.94
C LEU B 177 5.00 20.34 17.84
N TYR B 178 5.29 19.69 16.72
CA TYR B 178 6.59 19.09 16.49
C TYR B 178 7.10 19.54 15.12
N PHE B 179 8.19 20.32 15.13
CA PHE B 179 8.85 20.75 13.89
C PHE B 179 10.02 19.85 13.59
N GLY B 180 9.96 19.13 12.48
CA GLY B 180 11.01 18.19 12.19
C GLY B 180 11.96 18.63 11.11
N MET B 181 13.08 17.95 11.04
CA MET B 181 13.98 18.05 9.91
C MET B 181 14.43 16.64 9.62
N TRP B 182 15.19 16.46 8.55
CA TRP B 182 15.64 15.14 8.14
C TRP B 182 16.34 14.45 9.29
N LYS B 183 15.94 13.19 9.54
CA LYS B 183 16.64 12.27 10.44
C LYS B 183 16.32 12.52 11.91
N THR B 184 15.37 13.40 12.22
CA THR B 184 14.95 13.52 13.60
C THR B 184 14.07 12.32 13.97
N SER B 185 14.20 11.86 15.21
CA SER B 185 13.66 10.56 15.64
C SER B 185 12.69 10.64 16.82
N PHE B 186 11.74 9.71 16.84
CA PHE B 186 11.05 9.42 18.09
C PHE B 186 11.29 7.96 18.45
N ALA B 187 11.76 7.76 19.67
CA ALA B 187 12.23 6.46 20.11
C ALA B 187 11.05 5.54 20.46
N TRP B 188 11.33 4.28 20.72
CA TRP B 188 10.27 3.28 20.98
C TRP B 188 9.58 3.56 22.30
N HIS B 189 8.25 3.57 22.29
CA HIS B 189 7.50 3.90 23.50
C HIS B 189 6.04 3.67 23.28
N THR B 190 5.29 3.48 24.37
CA THR B 190 3.84 3.67 24.36
C THR B 190 3.49 5.06 24.96
N GLU B 191 2.25 5.50 24.79
CA GLU B 191 1.80 6.77 25.36
C GLU B 191 1.91 6.73 26.88
N ASP B 192 2.04 7.89 27.53
CA ASP B 192 1.93 7.96 28.98
C ASP B 192 0.58 7.33 29.41
N MET B 193 0.57 6.59 30.52
CA MET B 193 -0.61 5.88 31.00
C MET B 193 -1.20 4.94 29.95
N ASP B 194 -0.40 4.62 28.94
CA ASP B 194 -0.81 3.79 27.82
C ASP B 194 -2.11 4.29 27.16
N LEU B 195 -2.24 5.60 27.02
CA LEU B 195 -3.39 6.22 26.34
C LEU B 195 -3.36 6.04 24.81
N TYR B 196 -4.42 6.49 24.15
CA TYR B 196 -4.36 6.72 22.71
C TYR B 196 -3.55 7.99 22.44
N SER B 197 -3.11 8.16 21.20
CA SER B 197 -2.71 9.48 20.74
C SER B 197 -3.19 9.72 19.32
N ILE B 198 -3.26 11.00 18.96
CA ILE B 198 -3.62 11.42 17.62
C ILE B 198 -2.47 12.31 17.13
N ASN B 199 -2.11 12.21 15.86
CA ASN B 199 -0.99 12.99 15.32
C ASN B 199 -1.38 13.46 13.91
N TYR B 200 -1.29 14.77 13.67
CA TYR B 200 -1.62 15.33 12.36
C TYR B 200 -0.43 16.04 11.76
N LEU B 201 -0.03 15.65 10.56
CA LEU B 201 1.09 16.28 9.86
C LEU B 201 0.59 17.49 9.05
N HIS B 202 0.81 18.70 9.57
CA HIS B 202 0.24 19.91 8.97
C HIS B 202 0.82 20.20 7.59
N PHE B 203 2.13 20.08 7.43
CA PHE B 203 2.80 20.33 6.16
C PHE B 203 4.16 19.71 6.12
N GLY B 204 4.76 19.63 4.94
CA GLY B 204 6.16 19.28 4.83
C GLY B 204 6.45 17.86 4.36
N GLU B 205 7.70 17.46 4.46
CA GLU B 205 8.12 16.11 4.11
C GLU B 205 7.47 15.04 5.02
N PRO B 206 7.55 13.76 4.62
CA PRO B 206 6.79 12.78 5.41
C PRO B 206 7.40 12.40 6.77
N LYS B 207 6.58 11.74 7.58
CA LYS B 207 7.02 11.13 8.83
C LYS B 207 6.79 9.63 8.75
N SER B 208 7.83 8.83 8.95
CA SER B 208 7.63 7.37 8.90
C SER B 208 7.59 6.72 10.30
N TRP B 209 6.75 5.69 10.41
CA TRP B 209 6.39 5.02 11.65
C TRP B 209 6.70 3.52 11.64
N TYR B 210 7.20 3.00 12.75
CA TYR B 210 7.21 1.56 13.02
C TYR B 210 6.23 1.27 14.15
N SER B 211 5.66 0.08 14.14
CA SER B 211 4.62 -0.25 15.10
C SER B 211 4.73 -1.70 15.49
N VAL B 212 4.56 -1.98 16.78
CA VAL B 212 4.50 -3.35 17.28
C VAL B 212 3.11 -3.60 17.84
N PRO B 213 2.44 -4.66 17.39
CA PRO B 213 1.09 -4.90 17.90
C PRO B 213 1.08 -5.01 19.42
N PRO B 214 0.04 -4.47 20.05
CA PRO B 214 -0.11 -4.54 21.49
C PRO B 214 0.00 -5.96 22.04
N GLU B 215 -0.54 -6.95 21.32
CA GLU B 215 -0.47 -8.33 21.83
C GLU B 215 0.92 -8.94 21.76
N HIS B 216 1.88 -8.20 21.20
CA HIS B 216 3.26 -8.63 21.20
C HIS B 216 4.14 -7.61 21.90
N GLY B 217 3.52 -6.61 22.50
CA GLY B 217 4.23 -5.55 23.19
C GLY B 217 5.22 -6.06 24.23
N LYS B 218 4.80 -7.05 25.02
CA LYS B 218 5.64 -7.60 26.10
C LYS B 218 6.94 -8.17 25.58
N ARG B 219 6.92 -8.68 24.36
CA ARG B 219 8.10 -9.31 23.80
C ARG B 219 9.14 -8.26 23.47
N LEU B 220 8.68 -7.16 22.90
CA LEU B 220 9.57 -6.03 22.66
C LEU B 220 10.21 -5.60 23.96
N GLU B 221 9.43 -5.57 25.05
CA GLU B 221 9.96 -5.16 26.34
C GLU B 221 11.03 -6.14 26.84
N ARG B 222 10.78 -7.44 26.71
CA ARG B 222 11.82 -8.41 27.14
C ARG B 222 13.07 -8.25 26.29
N LEU B 223 12.90 -7.94 25.01
CA LEU B 223 14.04 -7.71 24.15
C LEU B 223 14.84 -6.50 24.65
N ALA B 224 14.14 -5.41 24.96
CA ALA B 224 14.83 -4.21 25.40
C ALA B 224 15.51 -4.43 26.74
N LYS B 225 14.81 -5.09 27.68
CA LYS B 225 15.42 -5.49 28.96
C LYS B 225 16.67 -6.34 28.77
N GLY B 226 16.64 -7.21 27.77
CA GLY B 226 17.80 -8.04 27.48
C GLY B 226 19.02 -7.22 27.11
N PHE B 227 18.83 -6.26 26.20
CA PHE B 227 19.93 -5.47 25.66
C PHE B 227 20.37 -4.31 26.53
N PHE B 228 19.50 -3.85 27.43
CA PHE B 228 19.88 -2.79 28.36
C PHE B 228 19.59 -3.18 29.80
N PRO B 229 20.38 -4.12 30.36
CA PRO B 229 20.15 -4.64 31.71
C PRO B 229 20.36 -3.58 32.79
N GLY B 230 21.29 -2.66 32.53
CA GLY B 230 21.55 -1.59 33.47
C GLY B 230 20.36 -0.67 33.61
N SER B 231 19.82 -0.24 32.47
CA SER B 231 18.65 0.65 32.47
C SER B 231 17.43 -0.06 33.08
N ALA B 232 17.28 -1.34 32.78
CA ALA B 232 16.15 -2.11 33.31
C ALA B 232 16.18 -2.19 34.83
N GLN B 233 17.37 -2.37 35.40
CA GLN B 233 17.55 -2.41 36.85
C GLN B 233 17.23 -1.07 37.51
N SER B 234 17.45 0.03 36.79
CA SER B 234 17.29 1.37 37.34
C SER B 234 15.85 1.89 37.26
N CYS B 235 15.05 1.31 36.37
CA CYS B 235 13.67 1.78 36.19
C CYS B 235 12.77 0.68 35.64
N GLU B 236 11.53 0.68 36.12
CA GLU B 236 10.56 -0.37 35.79
C GLU B 236 10.01 -0.22 34.38
N ALA B 237 10.16 0.97 33.82
CA ALA B 237 9.64 1.25 32.48
C ALA B 237 10.56 2.21 31.73
N PHE B 238 11.81 1.81 31.52
CA PHE B 238 12.80 2.76 31.02
C PHE B 238 12.53 3.20 29.58
N LEU B 239 11.75 2.43 28.81
CA LEU B 239 11.44 2.85 27.44
C LEU B 239 10.61 4.13 27.44
N ARG B 240 9.97 4.46 28.58
CA ARG B 240 9.18 5.68 28.68
C ARG B 240 10.10 6.92 28.70
N HIS B 241 11.40 6.69 28.86
CA HIS B 241 12.36 7.78 28.72
C HIS B 241 12.43 8.27 27.28
N LYS B 242 11.98 7.44 26.34
CA LYS B 242 11.98 7.80 24.92
C LYS B 242 13.37 8.06 24.41
N MET B 243 14.31 7.21 24.83
CA MET B 243 15.70 7.31 24.42
C MET B 243 16.20 6.08 23.64
N THR B 244 15.34 5.08 23.46
CA THR B 244 15.84 3.80 22.96
C THR B 244 15.44 3.59 21.51
N LEU B 245 16.45 3.39 20.64
CA LEU B 245 16.20 3.19 19.21
C LEU B 245 16.61 1.79 18.82
N ILE B 246 15.74 1.10 18.09
CA ILE B 246 15.97 -0.29 17.69
C ILE B 246 15.57 -0.49 16.24
N SER B 247 16.50 -0.94 15.40
CA SER B 247 16.20 -1.02 13.96
C SER B 247 15.25 -2.19 13.63
N PRO B 248 14.53 -2.08 12.50
CA PRO B 248 13.64 -3.15 12.03
C PRO B 248 14.36 -4.45 11.73
N LEU B 249 15.64 -4.38 11.36
CA LEU B 249 16.43 -5.60 11.21
C LEU B 249 16.60 -6.30 12.55
N MET B 250 16.82 -5.55 13.62
CA MET B 250 16.94 -6.19 14.93
C MET B 250 15.61 -6.78 15.36
N LEU B 251 14.50 -6.07 15.15
CA LEU B 251 13.17 -6.64 15.41
C LEU B 251 12.94 -7.97 14.66
N LYS B 252 13.27 -7.99 13.38
CA LYS B 252 13.10 -9.17 12.55
C LYS B 252 13.98 -10.32 13.10
N LYS B 253 15.23 -10.00 13.42
CA LYS B 253 16.18 -11.01 13.92
C LYS B 253 15.71 -11.72 15.21
N TYR B 254 15.04 -11.00 16.10
CA TYR B 254 14.63 -11.64 17.35
C TYR B 254 13.16 -12.02 17.35
N GLY B 255 12.55 -12.05 16.17
CA GLY B 255 11.19 -12.53 16.00
C GLY B 255 10.08 -11.66 16.57
N ILE B 256 10.32 -10.35 16.70
CA ILE B 256 9.24 -9.42 17.10
C ILE B 256 8.46 -8.97 15.85
N PRO B 257 7.14 -9.23 15.83
CA PRO B 257 6.38 -8.73 14.67
C PRO B 257 6.21 -7.21 14.69
N PHE B 258 6.23 -6.59 13.52
CA PHE B 258 6.08 -5.15 13.43
C PHE B 258 5.56 -4.82 12.06
N ASP B 259 5.04 -3.61 11.90
CA ASP B 259 4.69 -3.13 10.58
C ASP B 259 5.33 -1.74 10.41
N LYS B 260 5.36 -1.22 9.18
CA LYS B 260 5.76 0.17 8.97
C LYS B 260 4.77 0.89 8.05
N VAL B 261 4.74 2.21 8.18
CA VAL B 261 3.82 3.03 7.40
C VAL B 261 4.41 4.43 7.34
N THR B 262 4.14 5.14 6.26
CA THR B 262 4.66 6.47 6.07
C THR B 262 3.46 7.42 6.02
N GLN B 263 3.50 8.44 6.88
CA GLN B 263 2.42 9.41 7.00
C GLN B 263 2.76 10.61 6.12
N GLU B 264 1.81 11.05 5.31
CA GLU B 264 2.00 12.19 4.40
C GLU B 264 1.26 13.43 4.91
N ALA B 265 1.65 14.60 4.41
CA ALA B 265 1.01 15.86 4.84
C ALA B 265 -0.50 15.80 4.67
N GLY B 266 -1.23 16.21 5.69
CA GLY B 266 -2.67 16.19 5.64
C GLY B 266 -3.25 14.89 6.17
N GLU B 267 -2.42 14.02 6.73
CA GLU B 267 -2.89 12.72 7.19
C GLU B 267 -2.78 12.54 8.69
N PHE B 268 -3.75 11.81 9.24
CA PHE B 268 -3.75 11.48 10.66
C PHE B 268 -3.15 10.13 10.93
N MET B 269 -2.38 10.04 12.01
CA MET B 269 -2.02 8.75 12.58
C MET B 269 -2.66 8.65 13.96
N ILE B 270 -3.30 7.51 14.22
CA ILE B 270 -3.79 7.18 15.56
C ILE B 270 -2.95 6.05 16.15
N THR B 271 -2.51 6.21 17.39
CA THR B 271 -1.89 5.11 18.10
C THR B 271 -2.85 4.59 19.16
N PHE B 272 -2.78 3.30 19.44
CA PHE B 272 -3.71 2.67 20.36
C PHE B 272 -3.04 2.30 21.67
N PRO B 273 -3.85 2.04 22.70
CA PRO B 273 -3.28 1.68 24.01
C PRO B 273 -2.30 0.53 23.93
N TYR B 274 -1.12 0.73 24.50
CA TYR B 274 -0.06 -0.27 24.56
C TYR B 274 0.45 -0.60 23.18
N GLY B 275 0.24 0.29 22.22
CA GLY B 275 0.86 0.12 20.93
C GLY B 275 2.23 0.78 20.95
N TYR B 276 3.29 -0.04 20.91
CA TYR B 276 4.64 0.52 20.83
C TYR B 276 4.89 1.14 19.48
N HIS B 277 5.58 2.27 19.46
CA HIS B 277 5.92 2.84 18.16
C HIS B 277 7.15 3.71 18.21
N ALA B 278 7.72 3.94 17.02
CA ALA B 278 8.94 4.71 16.81
C ALA B 278 8.96 5.17 15.35
N GLY B 279 9.89 6.05 15.01
CA GLY B 279 10.03 6.48 13.63
C GLY B 279 10.99 7.64 13.43
N PHE B 280 10.92 8.27 12.27
CA PHE B 280 11.77 9.41 11.94
C PHE B 280 11.13 10.34 10.90
N ASN B 281 11.58 11.60 10.84
CA ASN B 281 11.08 12.56 9.86
C ASN B 281 11.89 12.59 8.57
N HIS B 282 11.24 12.79 7.42
CA HIS B 282 11.97 12.77 6.15
C HIS B 282 12.65 14.09 5.86
N GLY B 283 12.03 15.19 6.29
CA GLY B 283 12.60 16.50 6.06
C GLY B 283 11.79 17.50 6.86
N PHE B 284 11.89 18.78 6.51
CA PHE B 284 11.20 19.82 7.25
C PHE B 284 9.70 19.58 7.22
N ASN B 285 9.06 19.62 8.39
CA ASN B 285 7.62 19.37 8.50
C ASN B 285 7.08 19.85 9.84
N CYS B 286 5.77 19.75 10.00
CA CYS B 286 5.17 20.14 11.25
C CYS B 286 3.98 19.29 11.60
N ALA B 287 3.98 18.78 12.82
CA ALA B 287 2.90 17.91 13.29
C ALA B 287 2.38 18.33 14.63
N GLU B 288 1.09 18.08 14.81
CA GLU B 288 0.38 18.42 16.00
C GLU B 288 -0.17 17.14 16.58
N SER B 289 -0.16 17.05 17.90
CA SER B 289 -0.35 15.78 18.59
C SER B 289 -0.94 15.99 19.99
N THR B 290 -1.79 15.07 20.43
CA THR B 290 -2.26 15.04 21.83
C THR B 290 -2.74 13.63 22.18
N ASN B 291 -3.05 13.40 23.46
CA ASN B 291 -3.56 12.12 23.90
C ASN B 291 -5.09 12.13 23.99
N PHE B 292 -5.70 10.95 24.02
CA PHE B 292 -7.13 10.88 24.21
C PHE B 292 -7.47 9.49 24.70
N ALA B 293 -8.73 9.27 25.03
CA ALA B 293 -9.10 8.00 25.62
C ALA B 293 -10.47 7.59 25.12
N THR B 294 -10.77 6.30 25.26
CA THR B 294 -12.11 5.76 25.10
C THR B 294 -12.38 4.93 26.35
N ARG B 295 -13.51 4.23 26.40
CA ARG B 295 -13.84 3.45 27.57
C ARG B 295 -12.87 2.25 27.72
N ARG B 296 -12.43 1.75 26.58
CA ARG B 296 -11.51 0.61 26.55
C ARG B 296 -10.18 0.93 27.22
N TRP B 297 -9.70 2.16 27.04
CA TRP B 297 -8.42 2.58 27.65
C TRP B 297 -8.37 2.38 29.18
N ILE B 298 -9.51 2.50 29.85
CA ILE B 298 -9.52 2.59 31.30
C ILE B 298 -8.73 1.47 32.00
N GLU B 299 -9.04 0.24 31.60
CA GLU B 299 -8.31 -0.91 32.10
C GLU B 299 -6.80 -0.84 31.80
N TYR B 300 -6.44 -0.32 30.63
CA TYR B 300 -5.03 -0.13 30.30
C TYR B 300 -4.39 0.87 31.28
N GLY B 301 -5.14 1.94 31.57
CA GLY B 301 -4.72 2.93 32.55
C GLY B 301 -4.47 2.32 33.92
N LYS B 302 -5.33 1.41 34.32
CA LYS B 302 -5.23 0.80 35.64
C LYS B 302 -3.99 -0.08 35.75
N GLN B 303 -3.54 -0.62 34.62
CA GLN B 303 -2.45 -1.59 34.68
C GLN B 303 -1.12 -1.07 34.15
N ALA B 304 -1.09 0.19 33.73
CA ALA B 304 0.11 0.72 33.08
C ALA B 304 1.28 0.67 34.05
N VAL B 305 2.42 0.15 33.59
CA VAL B 305 3.63 0.18 34.40
C VAL B 305 4.34 1.51 34.15
N LEU B 306 4.65 2.23 35.22
CA LEU B 306 5.12 3.60 35.07
C LEU B 306 6.61 3.76 35.37
N CYS B 307 7.19 4.79 34.77
CA CYS B 307 8.55 5.21 35.07
C CYS B 307 8.79 5.33 36.58
N SER B 308 9.77 4.61 37.12
CA SER B 308 9.97 4.57 38.57
C SER B 308 11.21 5.32 39.07
N CYS B 309 11.83 6.13 38.21
CA CYS B 309 13.11 6.76 38.57
C CYS B 309 13.07 8.29 38.50
N ARG B 310 11.94 8.84 38.08
CA ARG B 310 11.75 10.28 38.05
C ARG B 310 10.42 10.65 38.68
N LYS B 311 10.43 11.64 39.59
CA LYS B 311 9.19 12.07 40.24
C LYS B 311 8.41 13.05 39.37
N ASP B 312 8.97 13.37 38.21
CA ASP B 312 8.44 14.38 37.30
C ASP B 312 7.45 13.83 36.28
N MET B 313 7.25 12.52 36.27
CA MET B 313 6.54 11.83 35.19
C MET B 313 5.02 11.96 35.25
N VAL B 314 4.40 11.79 34.09
CA VAL B 314 2.94 11.85 33.98
C VAL B 314 2.27 10.64 34.64
N LYS B 315 1.58 10.92 35.74
CA LYS B 315 0.80 9.89 36.43
C LYS B 315 -0.63 10.42 36.63
N ILE B 316 -1.59 9.73 36.01
CA ILE B 316 -2.97 10.14 36.12
C ILE B 316 -3.67 9.24 37.13
N SER B 317 -4.47 9.84 37.99
CA SER B 317 -5.26 9.07 38.96
C SER B 317 -6.42 8.38 38.27
N MET B 318 -6.48 7.07 38.35
CA MET B 318 -7.52 6.32 37.64
C MET B 318 -8.87 6.31 38.39
N ASP B 319 -8.85 6.88 39.58
CA ASP B 319 -9.96 6.78 40.52
C ASP B 319 -11.29 7.27 39.92
N VAL B 320 -11.31 8.47 39.38
CA VAL B 320 -12.53 9.00 38.79
C VAL B 320 -13.03 8.10 37.66
N PHE B 321 -12.11 7.48 36.91
CA PHE B 321 -12.51 6.63 35.79
C PHE B 321 -13.11 5.34 36.28
N VAL B 322 -12.49 4.74 37.28
CA VAL B 322 -12.99 3.50 37.81
C VAL B 322 -14.37 3.76 38.42
N ARG B 323 -14.42 4.79 39.27
CA ARG B 323 -15.64 5.20 39.98
C ARG B 323 -16.79 5.44 39.02
N LYS B 324 -16.54 6.13 37.92
CA LYS B 324 -17.60 6.53 37.00
C LYS B 324 -17.99 5.44 35.98
N PHE B 325 -17.02 4.73 35.39
CA PHE B 325 -17.35 3.73 34.35
C PHE B 325 -17.28 2.28 34.81
N GLN B 326 -16.65 2.02 35.95
CA GLN B 326 -16.65 0.68 36.51
C GLN B 326 -17.15 0.60 37.97
N PRO B 327 -18.36 1.15 38.26
CA PRO B 327 -18.85 1.20 39.64
C PRO B 327 -18.81 -0.12 40.37
N GLU B 328 -19.07 -1.20 39.64
CA GLU B 328 -19.19 -2.50 40.27
C GLU B 328 -17.83 -3.10 40.59
N ARG B 329 -16.77 -2.48 40.08
CA ARG B 329 -15.41 -2.97 40.32
C ARG B 329 -14.61 -2.08 41.30
N TYR B 330 -15.17 -0.91 41.64
CA TYR B 330 -14.42 0.08 42.41
C TYR B 330 -13.96 -0.40 43.77
N LYS B 331 -14.86 -0.98 44.54
CA LYS B 331 -14.50 -1.51 45.84
C LYS B 331 -13.36 -2.52 45.71
N LEU B 332 -13.50 -3.47 44.78
CA LEU B 332 -12.49 -4.50 44.54
C LEU B 332 -11.14 -3.86 44.14
N TRP B 333 -11.19 -2.96 43.18
CA TRP B 333 -9.98 -2.29 42.69
C TRP B 333 -9.22 -1.58 43.83
N LYS B 334 -9.93 -0.76 44.60
CA LYS B 334 -9.32 -0.02 45.72
C LYS B 334 -8.64 -0.95 46.71
N ALA B 335 -9.16 -2.17 46.83
CA ALA B 335 -8.59 -3.15 47.76
C ALA B 335 -7.42 -3.91 47.14
N GLY B 336 -7.06 -3.56 45.90
CA GLY B 336 -5.95 -4.20 45.22
C GLY B 336 -6.24 -5.63 44.81
N LYS B 337 -7.50 -5.94 44.57
CA LYS B 337 -7.87 -7.29 44.21
C LYS B 337 -8.63 -7.35 42.87
N ASP B 338 -8.53 -6.29 42.05
CA ASP B 338 -9.11 -6.33 40.70
C ASP B 338 -8.17 -7.07 39.75
N ASN B 339 -8.52 -8.31 39.42
CA ASN B 339 -7.67 -9.22 38.63
C ASN B 339 -8.08 -9.29 37.15
N THR B 340 -8.67 -8.22 36.62
CA THR B 340 -9.06 -8.21 35.22
C THR B 340 -7.84 -8.45 34.33
N VAL B 341 -8.02 -9.30 33.32
CA VAL B 341 -6.97 -9.61 32.35
C VAL B 341 -7.29 -8.95 31.02
N ILE B 342 -6.41 -8.08 30.54
CA ILE B 342 -6.71 -7.37 29.30
C ILE B 342 -6.55 -8.27 28.09
N ASP B 343 -7.54 -8.24 27.20
CA ASP B 343 -7.50 -8.93 25.91
C ASP B 343 -7.39 -7.88 24.80
N HIS B 344 -6.20 -7.80 24.20
CA HIS B 344 -5.87 -6.74 23.26
C HIS B 344 -6.61 -6.79 21.94
N THR B 345 -7.29 -7.90 21.67
CA THR B 345 -7.98 -8.05 20.39
C THR B 345 -9.36 -7.39 20.38
N LEU B 346 -9.96 -7.24 21.56
CA LEU B 346 -11.32 -6.70 21.66
C LEU B 346 -11.43 -5.20 21.37
N PRO B 347 -12.42 -4.81 20.55
CA PRO B 347 -12.70 -3.39 20.33
C PRO B 347 -13.34 -2.73 21.56
N THR B 348 -13.31 -1.41 21.60
CA THR B 348 -13.91 -0.67 22.71
C THR B 348 -15.41 -0.97 22.73
N PRO B 349 -16.04 -0.98 23.93
CA PRO B 349 -17.48 -1.23 24.02
C PRO B 349 -18.35 -0.34 23.11
N GLU B 350 -17.93 0.90 22.86
CA GLU B 350 -18.72 1.82 22.03
C GLU B 350 -18.87 1.34 20.60
N ALA B 351 -18.21 0.23 20.25
CA ALA B 351 -18.23 -0.28 18.88
C ALA B 351 -19.31 -1.34 18.69
N ALA B 352 -20.07 -1.62 19.74
CA ALA B 352 -21.18 -2.57 19.66
C ALA B 352 -22.14 -2.13 18.53
N GLU B 353 -22.49 -0.85 18.54
CA GLU B 353 -23.26 -0.16 17.49
C GLU B 353 -22.99 -0.68 16.08
N PHE B 354 -21.71 -0.90 15.79
CA PHE B 354 -21.31 -1.55 14.55
C PHE B 354 -21.14 -3.06 14.83
#